data_4LV0
#
_entry.id   4LV0
#
_cell.length_a   118.460
_cell.length_b   77.460
_cell.length_c   97.510
_cell.angle_alpha   90.000
_cell.angle_beta   116.040
_cell.angle_gamma   90.000
#
_symmetry.space_group_name_H-M   'C 1 2 1'
#
loop_
_entity.id
_entity.type
_entity.pdbx_description
1 polymer Beta-lactamase
2 non-polymer 'M-AMINOPHENYLBORONIC ACID'
3 non-polymer 'PHOSPHATE ION'
4 water water
#
_entity_poly.entity_id   1
_entity_poly.type   'polypeptide(L)'
_entity_poly.pdbx_seq_one_letter_code
;APQQINDIVHRTITPLIEQQKIPGMAVAVIYQGKPYYFTWGYADIAKKQPVTQQTLFELGSVSKTFTGVLGGDAIARGEI
KLSDPTTKYWPELTAKQWNGITLLHLATYTAGGLPLQVPDEVKSSSDLLRFYQNWQPAWAPGTQRLYANSSIGLFGALAV
KPSGLSFEQAMQTRVFQPLKLNHTWINVPPAEEKNYAWGYREGKAVHVSPGALDAEAYGVKSTIEDMARWVQSNLKPLDI
NEKTLQQGIQLAQSRYWQTGDMYQGLGWEMLDWPVNPDSIINGSDNKIALAARPVKAITPPTPAVRASWVHKTGATGGFG
SYVAFIPEKELGIVMLANKNYPNPARVDAAWQILNALQ
;
_entity_poly.pdbx_strand_id   A,B
#
loop_
_chem_comp.id
_chem_comp.type
_chem_comp.name
_chem_comp.formula
APB non-polymer 'M-AMINOPHENYLBORONIC ACID' 'C6 H8 B N O2'
PO4 non-polymer 'PHOSPHATE ION' 'O4 P -3'
#
# COMPACT_ATOMS: atom_id res chain seq x y z
N ALA A 1 28.10 -22.39 -10.95
CA ALA A 1 28.02 -21.21 -10.08
C ALA A 1 29.43 -20.65 -9.81
N PRO A 2 29.52 -19.34 -9.53
CA PRO A 2 30.77 -18.75 -9.02
C PRO A 2 31.27 -19.62 -7.87
N GLN A 3 32.58 -19.83 -7.76
CA GLN A 3 33.11 -20.71 -6.73
C GLN A 3 32.72 -20.28 -5.32
N GLN A 4 32.52 -18.98 -5.12
CA GLN A 4 32.18 -18.47 -3.81
C GLN A 4 30.83 -19.00 -3.38
N ILE A 5 29.85 -18.93 -4.28
CA ILE A 5 28.54 -19.44 -3.96
C ILE A 5 28.67 -20.92 -3.76
N ASN A 6 29.37 -21.60 -4.68
CA ASN A 6 29.57 -23.03 -4.51
C ASN A 6 30.13 -23.42 -3.11
N ASP A 7 31.23 -22.78 -2.74
CA ASP A 7 31.90 -23.14 -1.49
C ASP A 7 31.02 -22.83 -0.28
N ILE A 8 30.41 -21.66 -0.30
CA ILE A 8 29.56 -21.20 0.79
C ILE A 8 28.37 -22.14 0.98
N VAL A 9 27.69 -22.50 -0.12
CA VAL A 9 26.59 -23.47 -0.01
C VAL A 9 27.03 -24.87 0.45
N HIS A 10 28.06 -25.44 -0.18
CA HIS A 10 28.47 -26.78 0.19
C HIS A 10 29.02 -26.88 1.61
N ARG A 11 29.78 -25.88 2.03
CA ARG A 11 30.32 -25.89 3.37
C ARG A 11 29.26 -25.81 4.45
N THR A 12 28.11 -25.25 4.08
CA THR A 12 27.02 -25.06 5.02
C THR A 12 26.06 -26.26 5.01
N ILE A 13 25.70 -26.71 3.81
CA ILE A 13 24.64 -27.68 3.65
C ILE A 13 25.13 -29.10 3.89
N THR A 14 26.37 -29.41 3.50
CA THR A 14 26.90 -30.74 3.74
C THR A 14 26.81 -31.19 5.20
N PRO A 15 27.31 -30.38 6.15
CA PRO A 15 27.22 -30.79 7.56
C PRO A 15 25.77 -30.81 8.05
N LEU A 16 24.93 -29.95 7.48
CA LEU A 16 23.53 -29.88 7.86
C LEU A 16 22.87 -31.22 7.53
N ILE A 17 23.11 -31.71 6.34
CA ILE A 17 22.50 -32.96 5.89
C ILE A 17 23.00 -34.09 6.76
N GLU A 18 24.30 -34.06 7.08
CA GLU A 18 24.89 -35.08 7.94
C GLU A 18 24.33 -35.03 9.35
N GLN A 19 24.27 -33.84 9.95
CA GLN A 19 23.77 -33.74 11.32
C GLN A 19 22.29 -34.13 11.43
N GLN A 20 21.52 -33.75 10.42
CA GLN A 20 20.07 -33.91 10.48
C GLN A 20 19.58 -35.20 9.80
N LYS A 21 20.48 -35.94 9.14
CA LYS A 21 20.12 -37.19 8.49
C LYS A 21 19.01 -36.97 7.48
N ILE A 22 19.20 -35.90 6.71
CA ILE A 22 18.23 -35.51 5.68
C ILE A 22 18.43 -36.40 4.46
N PRO A 23 17.37 -37.08 3.98
CA PRO A 23 17.57 -38.03 2.87
C PRO A 23 17.80 -37.37 1.52
N GLY A 24 17.20 -36.21 1.31
CA GLY A 24 17.26 -35.52 0.04
C GLY A 24 17.08 -34.04 0.23
N MET A 25 17.78 -33.23 -0.55
CA MET A 25 17.69 -31.80 -0.37
C MET A 25 17.95 -31.06 -1.66
N ALA A 26 17.20 -29.99 -1.89
CA ALA A 26 17.51 -29.07 -2.98
C ALA A 26 17.65 -27.66 -2.44
N VAL A 27 18.61 -26.91 -2.98
CA VAL A 27 18.80 -25.52 -2.54
C VAL A 27 18.92 -24.61 -3.76
N ALA A 28 18.30 -23.44 -3.71
CA ALA A 28 18.59 -22.38 -4.72
C ALA A 28 19.06 -21.15 -4.01
N VAL A 29 20.13 -20.53 -4.53
CA VAL A 29 20.52 -19.25 -4.05
C VAL A 29 20.20 -18.30 -5.19
N ILE A 30 19.56 -17.18 -4.88
CA ILE A 30 19.35 -16.14 -5.86
C ILE A 30 20.34 -15.06 -5.54
N TYR A 31 21.25 -14.80 -6.48
CA TYR A 31 22.34 -13.87 -6.23
C TYR A 31 22.34 -12.89 -7.36
N GLN A 32 22.24 -11.60 -7.02
CA GLN A 32 22.05 -10.55 -8.01
C GLN A 32 20.95 -10.95 -8.99
N GLY A 33 19.87 -11.50 -8.46
CA GLY A 33 18.76 -11.88 -9.31
C GLY A 33 18.84 -13.19 -10.10
N LYS A 34 20.01 -13.82 -10.20
CA LYS A 34 20.11 -15.10 -10.95
C LYS A 34 20.08 -16.28 -9.98
N PRO A 35 19.45 -17.42 -10.37
CA PRO A 35 19.44 -18.59 -9.47
C PRO A 35 20.59 -19.55 -9.70
N TYR A 36 21.05 -20.17 -8.63
CA TYR A 36 22.06 -21.21 -8.69
C TYR A 36 21.56 -22.37 -7.88
N TYR A 37 21.65 -23.56 -8.44
CA TYR A 37 20.98 -24.72 -7.86
C TYR A 37 21.92 -25.78 -7.37
N PHE A 38 21.47 -26.49 -6.33
CA PHE A 38 22.26 -27.52 -5.71
C PHE A 38 21.33 -28.63 -5.24
N THR A 39 21.73 -29.89 -5.45
CA THR A 39 20.93 -31.01 -4.99
C THR A 39 21.75 -32.12 -4.36
N TRP A 40 21.12 -32.84 -3.44
CA TRP A 40 21.80 -33.93 -2.75
C TRP A 40 20.80 -35.04 -2.50
N GLY A 41 21.28 -36.28 -2.48
CA GLY A 41 20.51 -37.35 -1.90
C GLY A 41 19.32 -37.79 -2.72
N TYR A 42 18.31 -38.29 -1.99
CA TYR A 42 17.28 -39.11 -2.58
C TYR A 42 15.90 -38.53 -2.42
N ALA A 43 15.18 -38.48 -3.54
CA ALA A 43 13.75 -38.18 -3.55
C ALA A 43 12.95 -39.38 -3.07
N ASP A 44 13.42 -40.59 -3.41
CA ASP A 44 12.76 -41.83 -3.05
C ASP A 44 13.88 -42.80 -2.74
N ILE A 45 14.05 -43.14 -1.48
CA ILE A 45 15.14 -43.99 -1.05
C ILE A 45 14.99 -45.39 -1.64
N ALA A 46 13.81 -45.97 -1.48
CA ALA A 46 13.56 -47.34 -1.94
C ALA A 46 13.81 -47.55 -3.44
N LYS A 47 13.37 -46.61 -4.26
CA LYS A 47 13.54 -46.70 -5.71
C LYS A 47 14.80 -46.00 -6.21
N LYS A 48 15.62 -45.57 -5.26
CA LYS A 48 16.91 -44.99 -5.59
C LYS A 48 16.83 -43.77 -6.53
N GLN A 49 15.75 -42.98 -6.39
CA GLN A 49 15.57 -41.83 -7.26
C GLN A 49 16.24 -40.63 -6.63
N PRO A 50 17.18 -39.99 -7.35
CA PRO A 50 17.89 -38.84 -6.78
C PRO A 50 17.02 -37.58 -6.73
N VAL A 51 17.36 -36.63 -5.89
CA VAL A 51 16.80 -35.28 -5.96
C VAL A 51 17.37 -34.58 -7.18
N THR A 52 16.50 -33.98 -7.98
CA THR A 52 16.94 -33.19 -9.13
C THR A 52 16.29 -31.83 -9.05
N GLN A 53 16.55 -30.98 -10.03
CA GLN A 53 15.92 -29.65 -10.08
C GLN A 53 14.46 -29.73 -10.45
N GLN A 54 13.99 -30.93 -10.80
CA GLN A 54 12.59 -31.15 -11.16
C GLN A 54 11.80 -31.89 -10.06
N THR A 55 12.47 -32.25 -8.98
CA THR A 55 11.80 -32.96 -7.88
C THR A 55 10.80 -32.02 -7.21
N LEU A 56 9.60 -32.53 -6.99
CA LEU A 56 8.58 -31.82 -6.22
C LEU A 56 8.73 -32.15 -4.74
N PHE A 57 8.70 -31.11 -3.92
CA PHE A 57 8.70 -31.24 -2.47
C PHE A 57 7.41 -30.64 -1.91
N GLU A 58 6.96 -31.14 -0.76
CA GLU A 58 5.85 -30.48 -0.08
C GLU A 58 6.38 -29.23 0.60
N LEU A 59 5.73 -28.10 0.35
CA LEU A 59 6.18 -26.83 0.93
C LEU A 59 5.62 -26.64 2.31
N GLY A 60 4.62 -27.45 2.69
CA GLY A 60 3.92 -27.15 3.96
C GLY A 60 3.56 -25.66 4.07
N SER A 61 3.76 -25.08 5.25
CA SER A 61 3.33 -23.71 5.45
C SER A 61 4.05 -22.60 4.64
N VAL A 62 5.07 -22.94 3.85
CA VAL A 62 5.50 -21.94 2.90
C VAL A 62 4.32 -21.67 1.93
N SER A 63 3.37 -22.60 1.84
CA SER A 63 2.14 -22.36 1.07
C SER A 63 1.42 -21.09 1.52
N LYS A 64 1.56 -20.73 2.80
CA LYS A 64 0.91 -19.52 3.30
C LYS A 64 1.38 -18.26 2.59
N THR A 65 2.60 -18.29 2.03
CA THR A 65 3.02 -17.13 1.28
C THR A 65 2.27 -17.01 -0.06
N PHE A 66 1.94 -18.12 -0.69
CA PHE A 66 1.14 -18.06 -1.91
C PHE A 66 -0.28 -17.60 -1.54
N THR A 67 -0.80 -18.13 -0.42
CA THR A 67 -2.14 -17.70 0.00
C THR A 67 -2.17 -16.21 0.27
N GLY A 68 -1.13 -15.68 0.91
CA GLY A 68 -1.09 -14.27 1.26
C GLY A 68 -1.01 -13.39 0.01
N VAL A 69 -0.21 -13.82 -0.96
CA VAL A 69 -0.11 -13.07 -2.21
C VAL A 69 -1.41 -13.17 -3.02
N LEU A 70 -2.05 -14.35 -3.03
CA LEU A 70 -3.33 -14.48 -3.74
C LEU A 70 -4.35 -13.56 -3.13
N GLY A 71 -4.36 -13.49 -1.78
CA GLY A 71 -5.21 -12.53 -1.09
C GLY A 71 -4.88 -11.11 -1.48
N GLY A 72 -3.58 -10.77 -1.51
CA GLY A 72 -3.19 -9.43 -1.88
C GLY A 72 -3.69 -9.10 -3.28
N ASP A 73 -3.62 -10.08 -4.17
CA ASP A 73 -4.05 -9.85 -5.54
C ASP A 73 -5.57 -9.56 -5.57
N ALA A 74 -6.32 -10.25 -4.71
CA ALA A 74 -7.77 -10.04 -4.65
C ALA A 74 -8.10 -8.66 -4.12
N ILE A 75 -7.32 -8.18 -3.16
CA ILE A 75 -7.44 -6.79 -2.68
C ILE A 75 -7.16 -5.82 -3.80
N ALA A 76 -6.06 -6.06 -4.53
CA ALA A 76 -5.69 -5.19 -5.65
C ALA A 76 -6.77 -5.20 -6.73
N ARG A 77 -7.45 -6.34 -6.89
CA ARG A 77 -8.54 -6.41 -7.88
C ARG A 77 -9.79 -5.65 -7.43
N GLY A 78 -9.81 -5.15 -6.19
CA GLY A 78 -11.00 -4.58 -5.57
C GLY A 78 -12.09 -5.59 -5.20
N GLU A 79 -11.75 -6.88 -5.16
CA GLU A 79 -12.70 -7.94 -4.82
C GLU A 79 -13.00 -8.07 -3.33
N ILE A 80 -11.97 -7.85 -2.50
CA ILE A 80 -12.12 -7.83 -1.06
C ILE A 80 -11.32 -6.64 -0.46
N LYS A 81 -11.58 -6.33 0.81
CA LYS A 81 -10.75 -5.40 1.58
C LYS A 81 -10.35 -6.08 2.87
N LEU A 82 -9.13 -5.81 3.35
CA LEU A 82 -8.73 -6.41 4.62
C LEU A 82 -9.57 -5.87 5.79
N SER A 83 -10.17 -4.70 5.60
CA SER A 83 -10.98 -4.08 6.62
C SER A 83 -12.40 -4.68 6.64
N ASP A 84 -12.74 -5.52 5.66
CA ASP A 84 -14.09 -6.14 5.60
C ASP A 84 -14.28 -7.09 6.80
N PRO A 85 -15.44 -7.07 7.44
CA PRO A 85 -15.80 -8.16 8.37
C PRO A 85 -15.79 -9.54 7.71
N THR A 86 -15.40 -10.55 8.49
CA THR A 86 -15.40 -11.92 7.98
C THR A 86 -16.81 -12.29 7.49
N THR A 87 -17.84 -11.77 8.18
CA THR A 87 -19.21 -12.15 7.87
C THR A 87 -19.68 -11.62 6.52
N LYS A 88 -19.00 -10.61 6.00
CA LYS A 88 -19.37 -10.12 4.69
C LYS A 88 -19.28 -11.22 3.63
N TYR A 89 -18.28 -12.11 3.75
CA TYR A 89 -18.10 -13.22 2.83
C TYR A 89 -18.64 -14.53 3.31
N TRP A 90 -19.09 -14.58 4.55
CA TRP A 90 -19.67 -15.83 5.08
C TRP A 90 -20.78 -15.40 6.02
N PRO A 91 -21.90 -14.98 5.43
CA PRO A 91 -23.03 -14.48 6.22
C PRO A 91 -23.61 -15.53 7.17
N GLU A 92 -23.40 -16.82 6.90
CA GLU A 92 -23.85 -17.88 7.79
C GLU A 92 -23.08 -17.89 9.12
N LEU A 93 -21.99 -17.15 9.17
CA LEU A 93 -21.22 -17.04 10.38
C LEU A 93 -21.88 -16.02 11.29
N THR A 94 -22.99 -16.41 11.92
CA THR A 94 -23.81 -15.48 12.68
C THR A 94 -23.45 -15.36 14.18
N ALA A 95 -22.59 -16.24 14.69
CA ALA A 95 -22.31 -16.18 16.11
C ALA A 95 -21.61 -14.86 16.52
N LYS A 96 -21.98 -14.34 17.68
CA LYS A 96 -21.61 -12.95 18.03
C LYS A 96 -20.12 -12.70 18.21
N GLN A 97 -19.35 -13.75 18.46
CA GLN A 97 -17.91 -13.55 18.68
C GLN A 97 -17.21 -13.08 17.39
N TRP A 98 -17.87 -13.22 16.24
CA TRP A 98 -17.29 -12.81 14.97
C TRP A 98 -17.45 -11.33 14.70
N ASN A 99 -18.29 -10.65 15.48
CA ASN A 99 -18.38 -9.21 15.34
C ASN A 99 -17.07 -8.53 15.64
N GLY A 100 -16.52 -7.83 14.65
CA GLY A 100 -15.26 -7.14 14.87
C GLY A 100 -14.04 -7.91 14.37
N ILE A 101 -14.25 -9.15 13.92
CA ILE A 101 -13.17 -9.95 13.33
C ILE A 101 -13.19 -9.79 11.81
N THR A 102 -12.13 -9.18 11.29
CA THR A 102 -12.05 -8.82 9.90
C THR A 102 -11.12 -9.79 9.12
N LEU A 103 -11.09 -9.62 7.81
CA LEU A 103 -10.22 -10.44 6.99
C LEU A 103 -8.75 -10.19 7.39
N LEU A 104 -8.41 -8.98 7.79
CA LEU A 104 -7.05 -8.71 8.25
C LEU A 104 -6.67 -9.61 9.44
N HIS A 105 -7.59 -9.71 10.41
CA HIS A 105 -7.33 -10.59 11.56
C HIS A 105 -7.11 -12.04 11.12
N LEU A 106 -7.97 -12.54 10.22
CA LEU A 106 -7.75 -13.90 9.74
C LEU A 106 -6.42 -14.06 9.02
N ALA A 107 -6.09 -13.13 8.15
CA ALA A 107 -4.86 -13.26 7.36
C ALA A 107 -3.61 -13.28 8.23
N THR A 108 -3.69 -12.61 9.40
CA THR A 108 -2.48 -12.34 10.20
C THR A 108 -2.46 -13.01 11.56
N TYR A 109 -3.40 -13.95 11.76
CA TYR A 109 -3.45 -14.81 12.96
C TYR A 109 -3.81 -14.00 14.21
N THR A 110 -4.53 -12.91 14.02
CA THR A 110 -4.84 -12.01 15.14
C THR A 110 -6.31 -11.94 15.49
N ALA A 111 -7.09 -12.96 15.10
CA ALA A 111 -8.54 -12.94 15.36
C ALA A 111 -8.91 -13.15 16.83
N GLY A 112 -7.95 -13.63 17.60
CA GLY A 112 -8.19 -13.82 19.02
C GLY A 112 -8.08 -15.25 19.50
N GLY A 113 -7.19 -16.04 18.88
CA GLY A 113 -6.98 -17.41 19.36
C GLY A 113 -7.56 -18.54 18.54
N LEU A 114 -7.77 -18.32 17.25
CA LEU A 114 -8.10 -19.44 16.38
C LEU A 114 -6.96 -20.46 16.43
N PRO A 115 -7.28 -21.75 16.46
CA PRO A 115 -6.23 -22.74 16.73
C PRO A 115 -5.30 -23.09 15.57
N LEU A 116 -4.12 -23.57 15.92
CA LEU A 116 -3.10 -23.96 14.95
C LEU A 116 -3.68 -24.88 13.88
N GLN A 117 -4.38 -25.93 14.35
CA GLN A 117 -4.90 -26.93 13.43
C GLN A 117 -6.42 -26.91 13.41
N VAL A 118 -6.95 -27.15 12.20
CA VAL A 118 -8.36 -27.45 12.11
C VAL A 118 -8.49 -28.89 12.56
N PRO A 119 -9.46 -29.16 13.43
CA PRO A 119 -9.59 -30.53 13.93
C PRO A 119 -9.77 -31.56 12.81
N ASP A 120 -9.17 -32.73 12.97
CA ASP A 120 -9.31 -33.79 11.97
C ASP A 120 -10.75 -34.12 11.65
N GLU A 121 -11.57 -33.99 12.69
CA GLU A 121 -12.97 -34.35 12.66
C GLU A 121 -13.74 -33.48 11.68
N VAL A 122 -13.15 -32.34 11.34
CA VAL A 122 -13.82 -31.41 10.46
C VAL A 122 -13.54 -31.79 9.00
N LYS A 123 -14.53 -32.31 8.31
CA LYS A 123 -14.36 -32.64 6.90
C LYS A 123 -15.17 -31.69 6.04
N SER A 124 -16.49 -31.82 6.17
CA SER A 124 -17.44 -31.18 5.28
C SER A 124 -17.49 -29.68 5.44
N SER A 125 -18.17 -29.05 4.50
CA SER A 125 -18.38 -27.62 4.54
C SER A 125 -19.21 -27.24 5.78
N SER A 126 -20.19 -28.07 6.11
CA SER A 126 -21.01 -27.80 7.26
C SER A 126 -20.26 -28.09 8.60
N ASP A 127 -19.31 -29.01 8.58
CA ASP A 127 -18.47 -29.27 9.75
C ASP A 127 -17.65 -28.05 9.99
N LEU A 128 -17.18 -27.44 8.90
CA LEU A 128 -16.37 -26.25 9.02
C LEU A 128 -17.14 -25.07 9.62
N LEU A 129 -18.37 -24.84 9.13
CA LEU A 129 -19.23 -23.78 9.63
C LEU A 129 -19.44 -24.01 11.11
N ARG A 130 -19.74 -25.25 11.45
CA ARG A 130 -20.01 -25.59 12.85
C ARG A 130 -18.80 -25.25 13.75
N PHE A 131 -17.60 -25.58 13.26
CA PHE A 131 -16.39 -25.35 13.99
C PHE A 131 -16.16 -23.86 14.27
N TYR A 132 -16.27 -23.03 13.23
CA TYR A 132 -16.07 -21.61 13.45
C TYR A 132 -17.20 -20.96 14.27
N GLN A 133 -18.43 -21.47 14.14
CA GLN A 133 -19.53 -20.89 14.92
C GLN A 133 -19.31 -21.19 16.40
N ASN A 134 -18.72 -22.35 16.69
CA ASN A 134 -18.61 -22.74 18.10
C ASN A 134 -17.32 -22.28 18.74
N TRP A 135 -16.36 -21.88 17.90
CA TRP A 135 -15.08 -21.39 18.39
C TRP A 135 -15.19 -20.17 19.29
N GLN A 136 -14.55 -20.23 20.46
CA GLN A 136 -14.63 -19.13 21.42
C GLN A 136 -13.26 -18.48 21.54
N PRO A 137 -13.17 -17.20 21.18
CA PRO A 137 -11.89 -16.48 21.33
C PRO A 137 -11.44 -16.32 22.78
N ALA A 138 -10.13 -16.45 22.97
CA ALA A 138 -9.52 -16.23 24.27
C ALA A 138 -9.27 -14.73 24.42
N TRP A 139 -9.14 -14.04 23.28
CA TRP A 139 -8.72 -12.65 23.26
C TRP A 139 -9.55 -11.80 22.31
N ALA A 140 -9.61 -10.50 22.61
CA ALA A 140 -10.22 -9.57 21.68
C ALA A 140 -9.46 -9.55 20.35
N PRO A 141 -10.17 -9.23 19.26
CA PRO A 141 -9.45 -9.19 17.99
C PRO A 141 -8.35 -8.15 17.97
N GLY A 142 -7.29 -8.44 17.22
CA GLY A 142 -6.20 -7.49 17.06
C GLY A 142 -5.37 -7.25 18.28
N THR A 143 -5.29 -8.23 19.18
CA THR A 143 -4.51 -8.06 20.41
C THR A 143 -3.41 -9.10 20.60
N GLN A 144 -3.63 -10.33 20.11
CA GLN A 144 -2.65 -11.40 20.28
C GLN A 144 -2.52 -12.17 18.97
N ARG A 145 -1.28 -12.53 18.64
CA ARG A 145 -1.00 -13.36 17.48
C ARG A 145 -0.82 -14.81 17.92
N LEU A 146 -1.48 -15.71 17.22
CA LEU A 146 -1.33 -17.14 17.48
C LEU A 146 -1.31 -17.76 16.09
N TYR A 147 -0.13 -18.19 15.66
CA TYR A 147 0.02 -18.75 14.30
C TYR A 147 -0.96 -19.89 14.10
N ALA A 148 -1.70 -19.87 13.00
CA ALA A 148 -2.85 -20.78 12.90
C ALA A 148 -3.33 -21.05 11.48
N ASN A 149 -3.43 -22.33 11.14
CA ASN A 149 -4.02 -22.72 9.84
C ASN A 149 -5.47 -22.33 9.77
N SER A 150 -6.16 -22.42 10.90
CA SER A 150 -7.60 -22.19 10.88
C SER A 150 -7.86 -20.70 10.68
N SER A 151 -6.82 -19.89 10.83
CA SER A 151 -6.93 -18.45 10.64
C SER A 151 -6.63 -18.11 9.18
N ILE A 152 -5.39 -18.31 8.76
CA ILE A 152 -5.07 -17.87 7.38
C ILE A 152 -5.72 -18.81 6.36
N GLY A 153 -6.00 -20.05 6.74
CA GLY A 153 -6.70 -20.95 5.82
C GLY A 153 -8.09 -20.42 5.47
N LEU A 154 -8.79 -19.87 6.46
CA LEU A 154 -10.12 -19.33 6.20
C LEU A 154 -10.00 -18.02 5.40
N PHE A 155 -8.98 -17.23 5.73
CA PHE A 155 -8.71 -16.05 4.92
C PHE A 155 -8.61 -16.44 3.45
N GLY A 156 -7.85 -17.50 3.14
CA GLY A 156 -7.68 -17.85 1.72
C GLY A 156 -8.97 -18.32 1.08
N ALA A 157 -9.75 -19.09 1.83
CA ALA A 157 -11.02 -19.57 1.26
C ALA A 157 -11.97 -18.39 1.02
N LEU A 158 -12.00 -17.42 1.94
CA LEU A 158 -12.94 -16.28 1.78
C LEU A 158 -12.45 -15.32 0.71
N ALA A 159 -11.12 -15.15 0.61
CA ALA A 159 -10.55 -14.14 -0.30
C ALA A 159 -10.93 -14.41 -1.74
N VAL A 160 -11.11 -15.67 -2.11
CA VAL A 160 -11.40 -15.98 -3.51
C VAL A 160 -12.93 -16.07 -3.78
N LYS A 161 -13.78 -15.90 -2.75
CA LYS A 161 -15.21 -16.07 -3.00
C LYS A 161 -15.77 -15.10 -4.05
N PRO A 162 -15.43 -13.81 -3.98
CA PRO A 162 -16.06 -12.95 -5.00
C PRO A 162 -15.63 -13.28 -6.43
N SER A 163 -14.43 -13.84 -6.63
CA SER A 163 -14.01 -14.25 -7.98
C SER A 163 -14.91 -15.34 -8.55
N GLY A 164 -15.58 -16.09 -7.67
CA GLY A 164 -16.38 -17.23 -8.09
C GLY A 164 -15.55 -18.46 -8.42
N LEU A 165 -14.22 -18.34 -8.29
CA LEU A 165 -13.31 -19.43 -8.68
C LEU A 165 -13.05 -20.27 -7.46
N SER A 166 -12.74 -21.56 -7.64
CA SER A 166 -12.27 -22.38 -6.54
C SER A 166 -10.94 -21.78 -6.07
N PHE A 167 -10.53 -22.09 -4.86
CA PHE A 167 -9.20 -21.64 -4.42
C PHE A 167 -8.10 -22.09 -5.39
N GLU A 168 -8.13 -23.34 -5.77
CA GLU A 168 -7.11 -23.90 -6.64
C GLU A 168 -7.11 -23.21 -8.00
N GLN A 169 -8.29 -23.01 -8.61
CA GLN A 169 -8.35 -22.28 -9.88
C GLN A 169 -7.87 -20.84 -9.79
N ALA A 170 -8.23 -20.15 -8.71
CA ALA A 170 -7.74 -18.80 -8.52
C ALA A 170 -6.22 -18.82 -8.40
N MET A 171 -5.68 -19.73 -7.58
CA MET A 171 -4.24 -19.81 -7.40
C MET A 171 -3.53 -20.10 -8.72
N GLN A 172 -4.05 -21.04 -9.49
CA GLN A 172 -3.48 -21.40 -10.80
CA GLN A 172 -3.38 -21.38 -10.75
C GLN A 172 -3.47 -20.23 -11.77
N THR A 173 -4.65 -19.63 -11.95
CA THR A 173 -4.79 -18.60 -12.98
C THR A 173 -4.18 -17.24 -12.61
N ARG A 174 -4.18 -16.91 -11.33
CA ARG A 174 -3.81 -15.54 -10.91
C ARG A 174 -2.40 -15.45 -10.35
N VAL A 175 -1.84 -16.59 -9.95
CA VAL A 175 -0.49 -16.60 -9.39
C VAL A 175 0.48 -17.55 -10.10
N PHE A 176 0.17 -18.85 -10.15
CA PHE A 176 1.11 -19.82 -10.75
C PHE A 176 1.38 -19.50 -12.23
N GLN A 177 0.31 -19.36 -13.00
CA GLN A 177 0.45 -19.16 -14.45
C GLN A 177 1.18 -17.89 -14.84
N PRO A 178 0.75 -16.72 -14.31
CA PRO A 178 1.45 -15.50 -14.70
C PRO A 178 2.96 -15.51 -14.34
N LEU A 179 3.30 -16.25 -13.28
CA LEU A 179 4.70 -16.30 -12.81
C LEU A 179 5.50 -17.42 -13.45
N LYS A 180 4.86 -18.14 -14.36
CA LYS A 180 5.44 -19.33 -15.00
C LYS A 180 5.89 -20.42 -14.02
N LEU A 181 5.11 -20.61 -12.96
CA LEU A 181 5.40 -21.68 -12.02
C LEU A 181 4.61 -22.85 -12.57
N ASN A 182 5.15 -23.47 -13.61
CA ASN A 182 4.50 -24.55 -14.30
C ASN A 182 4.75 -25.92 -13.74
N HIS A 183 5.46 -25.99 -12.61
CA HIS A 183 5.66 -27.26 -11.91
C HIS A 183 5.38 -27.06 -10.42
N THR A 184 4.33 -26.28 -10.14
CA THR A 184 3.87 -25.97 -8.80
C THR A 184 2.38 -26.32 -8.74
N TRP A 185 2.01 -27.08 -7.72
CA TRP A 185 0.71 -27.77 -7.70
C TRP A 185 0.09 -27.79 -6.32
N ILE A 186 -1.23 -27.64 -6.29
CA ILE A 186 -1.96 -27.90 -5.05
C ILE A 186 -2.31 -29.36 -5.03
N ASN A 187 -2.60 -29.93 -6.22
CA ASN A 187 -2.83 -31.36 -6.34
C ASN A 187 -1.89 -31.87 -7.43
N VAL A 188 -1.00 -32.79 -7.07
CA VAL A 188 0.00 -33.22 -8.04
C VAL A 188 -0.68 -34.08 -9.13
N PRO A 189 -0.59 -33.67 -10.42
CA PRO A 189 -1.21 -34.50 -11.46
C PRO A 189 -0.48 -35.80 -11.65
N PRO A 190 -1.20 -36.84 -12.10
CA PRO A 190 -0.59 -38.13 -12.42
C PRO A 190 0.64 -37.97 -13.29
N ALA A 191 0.63 -37.06 -14.26
CA ALA A 191 1.84 -36.94 -15.15
C ALA A 191 3.10 -36.51 -14.38
N GLU A 192 2.92 -35.87 -13.20
CA GLU A 192 4.08 -35.33 -12.48
C GLU A 192 4.47 -36.21 -11.29
N GLU A 193 3.72 -37.28 -11.05
CA GLU A 193 4.02 -38.18 -9.92
C GLU A 193 5.45 -38.74 -9.88
N LYS A 194 6.03 -39.02 -11.04
CA LYS A 194 7.41 -39.50 -11.16
C LYS A 194 8.38 -38.55 -10.49
N ASN A 195 8.00 -37.29 -10.30
CA ASN A 195 8.92 -36.30 -9.74
C ASN A 195 8.61 -35.98 -8.28
N TYR A 196 7.55 -36.56 -7.75
CA TYR A 196 7.06 -36.19 -6.39
C TYR A 196 7.89 -37.00 -5.38
N ALA A 197 8.78 -36.31 -4.67
CA ALA A 197 9.56 -37.00 -3.63
C ALA A 197 8.66 -37.59 -2.56
N TRP A 198 9.12 -38.66 -1.93
CA TRP A 198 8.54 -39.09 -0.66
C TRP A 198 9.10 -38.25 0.48
N GLY A 199 8.25 -37.95 1.48
CA GLY A 199 8.74 -37.44 2.74
C GLY A 199 9.11 -38.57 3.66
N TYR A 200 9.96 -38.29 4.65
CA TYR A 200 10.45 -39.35 5.53
C TYR A 200 10.22 -38.90 6.96
N ARG A 201 9.47 -39.71 7.68
CA ARG A 201 9.16 -39.42 9.06
C ARG A 201 9.41 -40.70 9.84
N GLU A 202 10.33 -40.62 10.79
CA GLU A 202 10.81 -41.79 11.52
C GLU A 202 11.20 -42.91 10.55
N GLY A 203 11.78 -42.54 9.41
CA GLY A 203 12.21 -43.52 8.44
C GLY A 203 11.15 -44.11 7.53
N LYS A 204 9.91 -43.68 7.68
CA LYS A 204 8.84 -44.14 6.79
C LYS A 204 8.50 -43.09 5.73
N ALA A 205 8.30 -43.55 4.51
CA ALA A 205 7.86 -42.70 3.40
C ALA A 205 6.42 -42.27 3.58
N VAL A 206 6.21 -40.97 3.57
CA VAL A 206 4.90 -40.41 3.78
C VAL A 206 4.65 -39.21 2.86
N HIS A 207 3.36 -38.99 2.56
CA HIS A 207 2.93 -37.76 1.91
C HIS A 207 1.87 -37.13 2.77
N VAL A 208 1.68 -35.82 2.59
CA VAL A 208 0.68 -35.06 3.36
C VAL A 208 -0.72 -35.64 3.14
N SER A 209 -1.49 -35.75 4.23
CA SER A 209 -2.85 -36.27 4.18
C SER A 209 -3.82 -35.14 3.87
N PRO A 210 -4.94 -35.45 3.20
CA PRO A 210 -5.99 -34.43 3.04
C PRO A 210 -6.48 -33.90 4.39
N GLY A 211 -6.86 -32.64 4.36
CA GLY A 211 -7.49 -32.05 5.55
C GLY A 211 -8.21 -30.78 5.18
N ALA A 212 -9.09 -30.33 6.07
CA ALA A 212 -9.84 -29.13 5.76
C ALA A 212 -8.92 -27.94 5.66
N LEU A 213 -9.13 -27.09 4.65
CA LEU A 213 -8.33 -25.91 4.41
C LEU A 213 -6.88 -26.24 4.15
N ASP A 214 -6.62 -27.46 3.67
CA ASP A 214 -5.23 -27.86 3.39
C ASP A 214 -4.57 -27.03 2.25
N ALA A 215 -5.30 -26.84 1.16
CA ALA A 215 -4.77 -26.08 0.03
C ALA A 215 -4.36 -24.69 0.47
N GLU A 216 -5.18 -24.08 1.30
CA GLU A 216 -5.02 -22.69 1.65
C GLU A 216 -3.94 -22.49 2.73
N ALA A 217 -3.70 -23.49 3.54
CA ALA A 217 -2.78 -23.35 4.67
C ALA A 217 -1.46 -24.07 4.47
N TYR A 218 -1.43 -25.19 3.74
CA TYR A 218 -0.16 -25.94 3.68
C TYR A 218 -0.06 -26.92 2.53
N GLY A 219 -0.87 -26.73 1.51
CA GLY A 219 -0.95 -27.77 0.50
C GLY A 219 -0.18 -27.62 -0.81
N VAL A 220 0.73 -26.67 -0.95
CA VAL A 220 1.46 -26.52 -2.25
C VAL A 220 2.70 -27.46 -2.33
N LYS A 221 2.90 -28.07 -3.51
CA LYS A 221 4.15 -28.81 -3.78
C LYS A 221 4.84 -28.07 -4.92
N SER A 222 6.18 -28.06 -4.94
CA SER A 222 6.87 -27.29 -5.99
C SER A 222 8.28 -27.81 -6.13
N THR A 223 8.93 -27.37 -7.21
CA THR A 223 10.31 -27.71 -7.46
C THR A 223 11.24 -26.63 -7.03
N ILE A 224 12.55 -26.94 -7.04
CA ILE A 224 13.50 -25.92 -6.61
C ILE A 224 13.57 -24.79 -7.63
N GLU A 225 13.30 -25.10 -8.91
CA GLU A 225 13.32 -24.07 -9.92
C GLU A 225 12.12 -23.13 -9.77
N ASP A 226 10.93 -23.69 -9.55
CA ASP A 226 9.78 -22.81 -9.41
C ASP A 226 9.88 -21.98 -8.12
N MET A 227 10.44 -22.59 -7.08
CA MET A 227 10.59 -21.84 -5.83
C MET A 227 11.63 -20.72 -5.95
N ALA A 228 12.68 -20.93 -6.76
CA ALA A 228 13.62 -19.85 -7.00
C ALA A 228 12.90 -18.73 -7.71
N ARG A 229 12.04 -19.11 -8.65
CA ARG A 229 11.27 -18.13 -9.38
C ARG A 229 10.29 -17.37 -8.47
N TRP A 230 9.74 -18.07 -7.50
CA TRP A 230 8.81 -17.44 -6.50
C TRP A 230 9.61 -16.41 -5.71
N VAL A 231 10.81 -16.79 -5.27
CA VAL A 231 11.64 -15.83 -4.55
C VAL A 231 11.99 -14.62 -5.42
N GLN A 232 12.35 -14.84 -6.69
CA GLN A 232 12.73 -13.72 -7.55
C GLN A 232 11.54 -12.77 -7.72
N SER A 233 10.33 -13.36 -7.81
CA SER A 233 9.13 -12.57 -8.02
C SER A 233 8.86 -11.74 -6.78
N ASN A 234 9.11 -12.31 -5.59
CA ASN A 234 8.84 -11.55 -4.37
C ASN A 234 9.96 -10.55 -4.04
N LEU A 235 11.16 -10.80 -4.57
CA LEU A 235 12.28 -9.89 -4.42
C LEU A 235 12.08 -8.65 -5.25
N LYS A 236 11.53 -8.83 -6.44
CA LYS A 236 11.42 -7.78 -7.43
C LYS A 236 10.03 -7.71 -8.06
N PRO A 237 9.02 -7.32 -7.29
CA PRO A 237 7.65 -7.38 -7.85
C PRO A 237 7.40 -6.40 -8.99
N LEU A 238 8.28 -5.42 -9.13
CA LEU A 238 8.08 -4.43 -10.16
C LEU A 238 8.35 -5.00 -11.56
N ASP A 239 9.06 -6.13 -11.64
CA ASP A 239 9.26 -6.81 -12.94
C ASP A 239 8.03 -7.56 -13.39
N ILE A 240 7.07 -7.74 -12.47
CA ILE A 240 5.88 -8.49 -12.80
C ILE A 240 4.91 -7.63 -13.63
N ASN A 241 4.45 -8.18 -14.74
CA ASN A 241 3.67 -7.43 -15.71
C ASN A 241 2.19 -7.30 -15.32
N GLU A 242 1.65 -8.33 -14.70
CA GLU A 242 0.26 -8.31 -14.24
C GLU A 242 0.13 -7.37 -13.05
N LYS A 243 -0.59 -6.26 -13.24
CA LYS A 243 -0.61 -5.19 -12.26
C LYS A 243 -1.12 -5.62 -10.90
N THR A 244 -2.24 -6.34 -10.84
CA THR A 244 -2.79 -6.69 -9.52
C THR A 244 -1.89 -7.68 -8.80
N LEU A 245 -1.15 -8.50 -9.54
CA LEU A 245 -0.30 -9.48 -8.91
C LEU A 245 0.93 -8.78 -8.32
N GLN A 246 1.48 -7.86 -9.09
CA GLN A 246 2.57 -7.01 -8.62
C GLN A 246 2.17 -6.34 -7.30
N GLN A 247 0.97 -5.80 -7.29
CA GLN A 247 0.46 -5.10 -6.14
C GLN A 247 0.18 -6.05 -4.96
N GLY A 248 -0.34 -7.23 -5.28
CA GLY A 248 -0.61 -8.22 -4.26
C GLY A 248 0.64 -8.64 -3.55
N ILE A 249 1.73 -8.80 -4.31
CA ILE A 249 3.01 -9.20 -3.74
C ILE A 249 3.50 -8.11 -2.79
N GLN A 250 3.35 -6.88 -3.22
CA GLN A 250 3.70 -5.74 -2.36
C GLN A 250 2.85 -5.76 -1.08
N LEU A 251 1.54 -5.95 -1.20
CA LEU A 251 0.70 -5.99 -0.02
C LEU A 251 1.07 -7.11 0.96
N ALA A 252 1.54 -8.23 0.45
CA ALA A 252 1.84 -9.34 1.33
C ALA A 252 3.10 -9.10 2.16
N GLN A 253 3.94 -8.18 1.70
CA GLN A 253 5.13 -7.77 2.47
C GLN A 253 4.93 -6.48 3.26
N SER A 254 3.71 -5.94 3.30
CA SER A 254 3.42 -4.82 4.21
C SER A 254 3.48 -5.27 5.64
N ARG A 255 3.81 -4.36 6.56
CA ARG A 255 3.97 -4.75 7.95
C ARG A 255 2.70 -4.37 8.72
N TYR A 256 1.94 -5.37 9.16
CA TYR A 256 0.60 -5.16 9.74
C TYR A 256 0.62 -5.12 11.27
N TRP A 257 1.51 -5.90 11.87
CA TRP A 257 1.59 -6.09 13.32
C TRP A 257 3.04 -6.32 13.67
N GLN A 258 3.40 -5.98 14.89
CA GLN A 258 4.77 -6.23 15.35
C GLN A 258 4.71 -7.02 16.63
N THR A 259 5.51 -8.07 16.72
CA THR A 259 5.72 -8.74 17.99
CA THR A 259 5.70 -8.79 17.96
C THR A 259 7.20 -9.02 18.15
N GLY A 260 7.77 -8.44 19.20
CA GLY A 260 9.21 -8.52 19.39
C GLY A 260 9.84 -7.80 18.22
N ASP A 261 10.82 -8.41 17.55
CA ASP A 261 11.40 -7.74 16.41
C ASP A 261 10.88 -8.29 15.05
N MET A 262 9.78 -9.02 15.07
CA MET A 262 9.23 -9.49 13.79
C MET A 262 7.95 -8.77 13.42
N TYR A 263 7.73 -8.67 12.11
CA TYR A 263 6.55 -7.99 11.59
C TYR A 263 5.75 -8.99 10.80
N GLN A 264 4.43 -8.99 10.97
CA GLN A 264 3.58 -9.96 10.27
C GLN A 264 3.06 -9.39 8.96
N GLY A 265 3.34 -10.08 7.86
CA GLY A 265 2.83 -9.72 6.53
C GLY A 265 1.63 -10.60 6.23
N LEU A 266 1.30 -10.75 4.95
CA LEU A 266 0.28 -11.73 4.57
C LEU A 266 1.06 -12.98 4.18
N GLY A 267 1.12 -13.96 5.10
CA GLY A 267 1.90 -15.18 4.86
C GLY A 267 3.38 -14.91 5.19
N TRP A 268 4.03 -14.00 4.43
CA TRP A 268 5.41 -13.63 4.80
C TRP A 268 5.51 -13.05 6.20
N GLU A 269 6.68 -13.28 6.83
CA GLU A 269 7.09 -12.59 8.05
C GLU A 269 8.38 -11.85 7.76
N MET A 270 8.58 -10.72 8.43
CA MET A 270 9.70 -9.86 8.04
C MET A 270 10.40 -9.33 9.27
N LEU A 271 11.70 -9.09 9.14
CA LEU A 271 12.47 -8.39 10.19
C LEU A 271 13.35 -7.34 9.50
N ASP A 272 13.73 -6.30 10.21
CA ASP A 272 14.64 -5.34 9.62
C ASP A 272 16.00 -5.95 9.35
N TRP A 273 16.54 -5.65 8.17
CA TRP A 273 17.89 -6.04 7.79
C TRP A 273 18.82 -4.84 8.04
N PRO A 274 19.98 -5.05 8.67
CA PRO A 274 20.58 -6.30 9.12
C PRO A 274 19.84 -6.85 10.33
N VAL A 275 19.67 -8.17 10.33
CA VAL A 275 18.95 -8.84 11.41
C VAL A 275 19.98 -9.25 12.42
N ASN A 276 19.45 -9.57 13.59
CA ASN A 276 20.28 -10.19 14.60
C ASN A 276 20.07 -11.67 14.33
N PRO A 277 21.13 -12.37 13.96
CA PRO A 277 20.87 -13.76 13.58
C PRO A 277 20.32 -14.66 14.69
N ASP A 278 20.74 -14.46 15.94
CA ASP A 278 20.10 -15.18 17.05
C ASP A 278 18.62 -14.90 17.10
N SER A 279 18.21 -13.70 16.73
CA SER A 279 16.83 -13.37 16.83
C SER A 279 15.99 -14.17 15.81
N ILE A 280 16.45 -14.28 14.57
CA ILE A 280 15.70 -15.04 13.58
C ILE A 280 15.88 -16.55 13.77
N ILE A 281 17.08 -16.95 14.16
CA ILE A 281 17.34 -18.36 14.42
C ILE A 281 16.53 -18.88 15.61
N ASN A 282 16.70 -18.27 16.78
CA ASN A 282 15.90 -18.64 17.95
C ASN A 282 14.42 -18.40 17.72
N GLY A 283 14.10 -17.30 17.04
CA GLY A 283 12.71 -16.98 16.72
C GLY A 283 11.98 -18.01 15.88
N SER A 284 12.73 -18.77 15.07
CA SER A 284 12.10 -19.76 14.21
C SER A 284 11.69 -21.04 14.93
N ASP A 285 12.29 -21.29 16.10
CA ASP A 285 12.00 -22.49 16.86
C ASP A 285 10.51 -22.41 17.20
N ASN A 286 9.81 -23.53 17.11
CA ASN A 286 8.37 -23.55 17.36
C ASN A 286 8.01 -23.14 18.77
N LYS A 287 8.99 -23.20 19.71
CA LYS A 287 8.76 -22.67 21.09
C LYS A 287 8.33 -21.21 21.07
N ILE A 288 8.78 -20.49 20.03
CA ILE A 288 8.49 -19.08 19.91
C ILE A 288 7.48 -18.89 18.79
N ALA A 289 7.71 -19.60 17.69
CA ALA A 289 6.95 -19.36 16.46
C ALA A 289 5.48 -19.74 16.59
N LEU A 290 5.21 -20.76 17.41
CA LEU A 290 3.84 -21.22 17.57
C LEU A 290 3.21 -20.63 18.83
N ALA A 291 3.95 -19.79 19.60
CA ALA A 291 3.44 -19.26 20.89
C ALA A 291 2.40 -18.13 20.72
N ALA A 292 1.54 -17.93 21.70
CA ALA A 292 0.61 -16.78 21.73
C ALA A 292 1.38 -15.54 22.21
N ARG A 293 1.41 -14.49 21.41
CA ARG A 293 2.16 -13.28 21.75
C ARG A 293 1.37 -12.00 21.51
N PRO A 294 1.48 -11.05 22.45
CA PRO A 294 0.78 -9.78 22.21
C PRO A 294 1.32 -9.09 20.98
N VAL A 295 0.45 -8.42 20.24
CA VAL A 295 0.86 -7.65 19.09
C VAL A 295 0.57 -6.17 19.20
N LYS A 296 1.42 -5.39 18.56
CA LYS A 296 1.23 -3.96 18.41
C LYS A 296 0.73 -3.72 17.00
N ALA A 297 -0.38 -3.02 16.85
CA ALA A 297 -0.84 -2.72 15.52
C ALA A 297 0.07 -1.67 14.89
N ILE A 298 0.35 -1.84 13.61
CA ILE A 298 1.05 -0.84 12.81
C ILE A 298 0.00 -0.09 12.01
N THR A 299 -0.25 1.15 12.45
CA THR A 299 -1.43 1.90 12.07
C THR A 299 -1.02 3.17 11.35
N PRO A 300 -1.10 3.20 10.01
CA PRO A 300 -1.45 2.14 9.06
C PRO A 300 -0.23 1.26 8.75
N PRO A 301 -0.44 0.15 8.08
CA PRO A 301 0.67 -0.76 7.76
C PRO A 301 1.77 -0.08 6.98
N THR A 302 3.01 -0.45 7.30
CA THR A 302 4.16 0.12 6.59
C THR A 302 4.30 -0.61 5.26
N PRO A 303 4.45 0.12 4.16
CA PRO A 303 4.55 -0.65 2.91
C PRO A 303 5.84 -1.44 2.88
N ALA A 304 5.93 -2.40 1.95
CA ALA A 304 7.10 -3.29 1.91
C ALA A 304 8.44 -2.55 2.02
N VAL A 305 9.20 -2.95 3.03
CA VAL A 305 10.49 -2.37 3.26
C VAL A 305 11.59 -3.17 2.56
N ARG A 306 12.34 -2.51 1.68
CA ARG A 306 13.40 -3.18 0.93
C ARG A 306 14.49 -3.77 1.84
N ALA A 307 14.87 -3.04 2.88
CA ALA A 307 15.84 -3.54 3.85
C ALA A 307 15.21 -4.46 4.90
N SER A 308 14.74 -5.63 4.44
CA SER A 308 14.11 -6.62 5.31
C SER A 308 14.71 -7.97 5.04
N TRP A 309 14.68 -8.81 6.06
CA TRP A 309 14.85 -10.24 5.90
C TRP A 309 13.42 -10.73 5.87
N VAL A 310 13.01 -11.28 4.73
CA VAL A 310 11.64 -11.73 4.57
C VAL A 310 11.70 -13.24 4.46
N HIS A 311 10.86 -13.95 5.20
CA HIS A 311 11.03 -15.40 5.23
C HIS A 311 9.78 -16.16 5.66
N LYS A 312 9.85 -17.47 5.49
CA LYS A 312 8.80 -18.34 5.97
C LYS A 312 9.32 -19.76 6.09
N THR A 313 9.03 -20.39 7.22
CA THR A 313 9.33 -21.82 7.37
C THR A 313 8.11 -22.66 6.98
N GLY A 314 8.34 -23.92 6.57
CA GLY A 314 7.20 -24.79 6.33
C GLY A 314 7.53 -26.23 6.65
N ALA A 315 6.52 -26.98 7.08
CA ALA A 315 6.71 -28.39 7.38
C ALA A 315 5.45 -29.16 7.11
N THR A 316 5.64 -30.38 6.63
CA THR A 316 4.61 -31.41 6.73
C THR A 316 5.22 -32.57 7.50
N GLY A 317 4.49 -33.67 7.65
CA GLY A 317 5.02 -34.77 8.44
C GLY A 317 6.38 -35.22 7.92
N GLY A 318 6.56 -35.19 6.59
CA GLY A 318 7.77 -35.72 5.99
C GLY A 318 8.69 -34.69 5.34
N PHE A 319 8.35 -33.40 5.40
CA PHE A 319 9.13 -32.40 4.64
C PHE A 319 9.42 -31.16 5.47
N GLY A 320 10.53 -30.51 5.17
CA GLY A 320 10.90 -29.28 5.87
C GLY A 320 11.42 -28.27 4.85
N SER A 321 10.80 -27.09 4.76
CA SER A 321 11.12 -26.12 3.75
C SER A 321 11.45 -24.79 4.41
N TYR A 322 12.21 -23.95 3.70
CA TYR A 322 12.49 -22.61 4.18
C TYR A 322 12.80 -21.69 3.01
N VAL A 323 12.28 -20.46 3.07
CA VAL A 323 12.60 -19.50 2.04
C VAL A 323 12.93 -18.21 2.75
N ALA A 324 13.96 -17.49 2.31
CA ALA A 324 14.27 -16.19 2.93
C ALA A 324 14.88 -15.33 1.84
N PHE A 325 14.64 -14.03 1.90
CA PHE A 325 15.24 -13.13 0.91
C PHE A 325 15.38 -11.74 1.45
N ILE A 326 16.27 -10.97 0.84
CA ILE A 326 16.53 -9.60 1.25
C ILE A 326 16.41 -8.68 0.03
N PRO A 327 15.27 -7.99 -0.14
CA PRO A 327 15.02 -7.22 -1.36
C PRO A 327 16.14 -6.24 -1.66
N GLU A 328 16.62 -5.53 -0.64
CA GLU A 328 17.61 -4.51 -0.91
C GLU A 328 18.95 -5.07 -1.43
N LYS A 329 19.18 -6.37 -1.25
CA LYS A 329 20.44 -6.98 -1.72
C LYS A 329 20.26 -7.89 -2.91
N GLU A 330 19.03 -8.01 -3.43
CA GLU A 330 18.72 -8.90 -4.54
CA GLU A 330 18.72 -8.91 -4.55
C GLU A 330 19.20 -10.33 -4.25
N LEU A 331 19.01 -10.76 -2.99
CA LEU A 331 19.60 -11.99 -2.52
C LEU A 331 18.53 -12.87 -1.89
N GLY A 332 18.57 -14.16 -2.16
CA GLY A 332 17.62 -15.04 -1.50
C GLY A 332 18.03 -16.50 -1.50
N ILE A 333 17.29 -17.30 -0.75
CA ILE A 333 17.59 -18.72 -0.67
C ILE A 333 16.30 -19.53 -0.52
N VAL A 334 16.28 -20.71 -1.13
CA VAL A 334 15.24 -21.70 -0.90
C VAL A 334 15.95 -22.98 -0.47
N MET A 335 15.44 -23.59 0.61
CA MET A 335 15.94 -24.88 1.07
C MET A 335 14.77 -25.85 1.18
N LEU A 336 14.76 -26.91 0.35
CA LEU A 336 13.65 -27.87 0.35
C LEU A 336 14.25 -29.22 0.77
N ALA A 337 13.68 -29.85 1.80
CA ALA A 337 14.15 -31.17 2.22
C ALA A 337 12.99 -32.10 2.42
N ASN A 338 13.22 -33.40 2.20
CA ASN A 338 12.21 -34.38 2.54
C ASN A 338 12.40 -35.07 3.90
N LYS A 339 12.67 -34.24 4.92
CA LYS A 339 12.52 -34.61 6.32
C LYS A 339 12.14 -33.31 6.99
N ASN A 340 11.25 -33.37 7.97
CA ASN A 340 10.93 -32.19 8.78
C ASN A 340 11.98 -32.05 9.89
N TYR A 341 13.05 -31.31 9.63
CA TYR A 341 14.12 -31.14 10.64
C TYR A 341 13.94 -29.77 11.32
N PRO A 342 14.56 -29.57 12.49
CA PRO A 342 14.23 -28.36 13.27
C PRO A 342 14.44 -27.04 12.57
N ASN A 343 13.46 -26.14 12.71
CA ASN A 343 13.55 -24.80 12.13
C ASN A 343 14.87 -24.02 12.38
N PRO A 344 15.37 -24.04 13.62
CA PRO A 344 16.55 -23.20 13.85
C PRO A 344 17.73 -23.63 12.99
N ALA A 345 17.86 -24.93 12.73
CA ALA A 345 18.92 -25.39 11.85
C ALA A 345 18.77 -24.82 10.43
N ARG A 346 17.52 -24.72 9.95
CA ARG A 346 17.24 -24.14 8.64
C ARG A 346 17.68 -22.70 8.59
N VAL A 347 17.25 -21.94 9.60
CA VAL A 347 17.51 -20.51 9.57
C VAL A 347 19.01 -20.23 9.75
N ASP A 348 19.67 -21.01 10.60
N ASP A 348 19.66 -20.99 10.63
CA ASP A 348 21.10 -20.86 10.82
CA ASP A 348 21.11 -20.85 10.81
C ASP A 348 21.91 -21.11 9.54
C ASP A 348 21.83 -21.03 9.48
N ALA A 349 21.52 -22.12 8.77
CA ALA A 349 22.19 -22.40 7.50
C ALA A 349 21.92 -21.27 6.49
N ALA A 350 20.65 -20.87 6.37
CA ALA A 350 20.28 -19.76 5.50
C ALA A 350 21.01 -18.47 5.82
N TRP A 351 21.08 -18.11 7.10
CA TRP A 351 21.76 -16.88 7.44
C TRP A 351 23.28 -16.96 7.15
N GLN A 352 23.88 -18.12 7.42
CA GLN A 352 25.29 -18.32 7.17
C GLN A 352 25.54 -18.11 5.66
N ILE A 353 24.68 -18.67 4.81
CA ILE A 353 24.88 -18.51 3.36
C ILE A 353 24.66 -17.07 2.91
N LEU A 354 23.55 -16.47 3.30
CA LEU A 354 23.24 -15.14 2.80
C LEU A 354 24.18 -14.08 3.38
N ASN A 355 24.57 -14.25 4.63
CA ASN A 355 25.45 -13.27 5.23
C ASN A 355 26.79 -13.27 4.53
N ALA A 356 27.24 -14.46 4.12
CA ALA A 356 28.53 -14.62 3.44
C ALA A 356 28.52 -14.04 2.04
N LEU A 357 27.33 -13.92 1.46
CA LEU A 357 27.18 -13.40 0.10
C LEU A 357 26.80 -11.93 0.02
N GLN A 358 26.32 -11.34 1.10
CA GLN A 358 25.82 -9.97 0.97
C GLN A 358 26.95 -9.00 0.93
N ALA B 1 -9.93 19.08 -30.47
CA ALA B 1 -10.75 18.28 -29.56
C ALA B 1 -11.97 17.64 -30.23
N PRO B 2 -12.37 16.45 -29.75
CA PRO B 2 -13.69 15.96 -30.14
C PRO B 2 -14.76 17.05 -29.94
N GLN B 3 -15.69 17.07 -30.87
CA GLN B 3 -16.79 18.01 -30.82
C GLN B 3 -17.61 17.83 -29.52
N GLN B 4 -17.69 16.60 -29.03
CA GLN B 4 -18.45 16.32 -27.80
C GLN B 4 -17.85 17.10 -26.64
N ILE B 5 -16.52 17.12 -26.57
CA ILE B 5 -15.85 17.83 -25.50
C ILE B 5 -16.03 19.35 -25.60
N ASN B 6 -15.77 19.92 -26.78
CA ASN B 6 -15.91 21.35 -27.00
C ASN B 6 -17.32 21.78 -26.59
N ASP B 7 -18.32 20.99 -26.99
CA ASP B 7 -19.71 21.36 -26.73
C ASP B 7 -20.05 21.44 -25.25
N ILE B 8 -19.74 20.37 -24.52
CA ILE B 8 -20.10 20.36 -23.10
C ILE B 8 -19.29 21.38 -22.31
N VAL B 9 -18.01 21.54 -22.64
CA VAL B 9 -17.21 22.53 -21.91
C VAL B 9 -17.74 23.95 -22.13
N HIS B 10 -18.04 24.28 -23.38
CA HIS B 10 -18.47 25.62 -23.75
C HIS B 10 -19.80 25.96 -23.08
N ARG B 11 -20.73 25.02 -23.14
CA ARG B 11 -22.04 25.21 -22.53
C ARG B 11 -22.04 25.22 -21.01
N THR B 12 -20.98 24.67 -20.40
CA THR B 12 -20.94 24.62 -18.95
C THR B 12 -20.07 25.75 -18.38
N ILE B 13 -18.88 25.95 -18.94
CA ILE B 13 -17.91 26.89 -18.36
C ILE B 13 -18.17 28.37 -18.72
N THR B 14 -18.64 28.64 -19.93
CA THR B 14 -18.84 30.04 -20.33
CA THR B 14 -18.84 30.05 -20.32
C THR B 14 -19.93 30.73 -19.48
N PRO B 15 -21.08 30.05 -19.24
CA PRO B 15 -22.03 30.72 -18.37
C PRO B 15 -21.53 30.80 -16.94
N LEU B 16 -20.75 29.81 -16.50
CA LEU B 16 -20.10 29.88 -15.19
C LEU B 16 -19.30 31.16 -15.10
N ILE B 17 -18.46 31.39 -16.11
CA ILE B 17 -17.61 32.57 -16.15
C ILE B 17 -18.43 33.89 -16.08
N GLU B 18 -19.57 33.91 -16.77
CA GLU B 18 -20.43 35.11 -16.73
C GLU B 18 -21.21 35.22 -15.41
N GLN B 19 -21.76 34.11 -14.92
CA GLN B 19 -22.48 34.11 -13.63
C GLN B 19 -21.61 34.57 -12.45
N GLN B 20 -20.35 34.12 -12.44
CA GLN B 20 -19.47 34.36 -11.30
C GLN B 20 -18.51 35.52 -11.55
N LYS B 21 -18.59 36.12 -12.74
CA LYS B 21 -17.74 37.26 -13.12
C LYS B 21 -16.25 36.95 -13.00
N ILE B 22 -15.83 35.85 -13.60
CA ILE B 22 -14.45 35.39 -13.51
C ILE B 22 -13.62 36.09 -14.57
N PRO B 23 -12.57 36.82 -14.15
CA PRO B 23 -11.84 37.55 -15.18
C PRO B 23 -11.10 36.65 -16.14
N GLY B 24 -10.54 35.56 -15.63
CA GLY B 24 -9.74 34.68 -16.46
C GLY B 24 -9.89 33.26 -16.01
N MET B 25 -9.88 32.33 -16.96
CA MET B 25 -10.05 30.92 -16.62
C MET B 25 -9.35 30.01 -17.60
N ALA B 26 -8.80 28.91 -17.09
CA ALA B 26 -8.28 27.88 -17.98
C ALA B 26 -8.82 26.56 -17.51
N VAL B 27 -9.17 25.70 -18.46
CA VAL B 27 -9.73 24.40 -18.13
C VAL B 27 -8.98 23.35 -18.94
N ALA B 28 -8.69 22.20 -18.34
CA ALA B 28 -8.24 21.03 -19.08
C ALA B 28 -9.18 19.86 -18.83
N VAL B 29 -9.53 19.15 -19.88
CA VAL B 29 -10.29 17.91 -19.73
C VAL B 29 -9.35 16.81 -20.21
N ILE B 30 -9.21 15.78 -19.41
CA ILE B 30 -8.49 14.61 -19.80
C ILE B 30 -9.53 13.57 -20.18
N TYR B 31 -9.47 13.10 -21.42
CA TYR B 31 -10.46 12.21 -21.96
C TYR B 31 -9.66 11.11 -22.62
N GLN B 32 -9.94 9.87 -22.22
CA GLN B 32 -9.19 8.71 -22.70
C GLN B 32 -7.70 8.97 -22.51
N GLY B 33 -7.39 9.58 -21.36
CA GLY B 33 -6.02 9.89 -21.00
C GLY B 33 -5.33 11.04 -21.71
N LYS B 34 -5.95 11.63 -22.73
CA LYS B 34 -5.35 12.76 -23.48
C LYS B 34 -5.92 14.10 -23.00
N PRO B 35 -5.09 15.16 -22.97
CA PRO B 35 -5.63 16.45 -22.52
C PRO B 35 -6.16 17.34 -23.62
N TYR B 36 -7.19 18.09 -23.27
CA TYR B 36 -7.72 19.14 -24.13
C TYR B 36 -7.89 20.42 -23.32
N TYR B 37 -7.49 21.53 -23.91
CA TYR B 37 -7.42 22.78 -23.19
C TYR B 37 -8.34 23.84 -23.69
N PHE B 38 -8.71 24.74 -22.80
CA PHE B 38 -9.63 25.79 -23.13
C PHE B 38 -9.21 26.96 -22.30
N THR B 39 -9.19 28.15 -22.88
CA THR B 39 -8.85 29.34 -22.10
C THR B 39 -9.81 30.48 -22.40
N TRP B 40 -10.02 31.36 -21.42
CA TRP B 40 -10.90 32.50 -21.62
C TRP B 40 -10.37 33.64 -20.78
N GLY B 41 -10.59 34.88 -21.24
CA GLY B 41 -10.44 36.02 -20.37
C GLY B 41 -9.02 36.49 -20.15
N TYR B 42 -8.83 37.26 -19.10
CA TYR B 42 -7.54 37.89 -18.85
C TYR B 42 -6.85 37.32 -17.62
N ALA B 43 -5.55 37.04 -17.76
CA ALA B 43 -4.64 36.80 -16.64
C ALA B 43 -4.36 38.09 -15.88
N ASP B 44 -4.19 39.17 -16.64
CA ASP B 44 -3.92 40.51 -16.13
C ASP B 44 -4.89 41.45 -16.84
N ILE B 45 -5.93 41.91 -16.14
CA ILE B 45 -6.94 42.77 -16.74
C ILE B 45 -6.39 44.08 -17.31
N ALA B 46 -5.66 44.82 -16.49
CA ALA B 46 -5.17 46.14 -16.89
C ALA B 46 -4.21 46.07 -18.07
N LYS B 47 -3.39 45.03 -18.12
CA LYS B 47 -2.47 44.83 -19.23
C LYS B 47 -3.18 44.17 -20.42
N LYS B 48 -4.45 43.82 -20.21
CA LYS B 48 -5.22 42.99 -21.15
C LYS B 48 -4.37 41.81 -21.63
N GLN B 49 -3.71 41.13 -20.69
CA GLN B 49 -2.92 39.95 -21.01
C GLN B 49 -3.85 38.74 -20.96
N PRO B 50 -3.94 38.02 -22.09
CA PRO B 50 -4.81 36.85 -22.20
C PRO B 50 -4.36 35.74 -21.25
N VAL B 51 -5.32 35.05 -20.65
CA VAL B 51 -5.02 33.75 -20.08
C VAL B 51 -4.57 32.87 -21.25
N THR B 52 -3.42 32.23 -21.10
CA THR B 52 -2.98 31.26 -22.07
C THR B 52 -2.71 29.95 -21.33
N GLN B 53 -2.26 28.96 -22.06
CA GLN B 53 -1.91 27.72 -21.40
C GLN B 53 -0.59 27.78 -20.65
N GLN B 54 0.13 28.89 -20.78
CA GLN B 54 1.38 29.13 -20.05
C GLN B 54 1.13 29.95 -18.80
N THR B 55 -0.13 30.32 -18.55
CA THR B 55 -0.46 31.18 -17.42
C THR B 55 -0.37 30.38 -16.12
N LEU B 56 0.28 30.93 -15.11
CA LEU B 56 0.33 30.29 -13.79
C LEU B 56 -0.77 30.85 -12.90
N PHE B 57 -1.47 29.94 -12.23
CA PHE B 57 -2.55 30.29 -11.31
C PHE B 57 -2.11 29.78 -9.95
N GLU B 58 -2.50 30.48 -8.89
CA GLU B 58 -2.40 29.91 -7.54
C GLU B 58 -3.36 28.75 -7.32
N LEU B 59 -2.81 27.62 -6.90
CA LEU B 59 -3.64 26.45 -6.74
C LEU B 59 -4.29 26.47 -5.38
N GLY B 60 -3.83 27.33 -4.48
CA GLY B 60 -4.36 27.25 -3.14
C GLY B 60 -4.26 25.82 -2.61
N SER B 61 -5.30 25.35 -1.91
CA SER B 61 -5.26 24.03 -1.28
C SER B 61 -5.18 22.81 -2.22
N VAL B 62 -5.25 23.01 -3.54
CA VAL B 62 -4.95 21.90 -4.44
C VAL B 62 -3.49 21.49 -4.21
N SER B 63 -2.72 22.42 -3.66
CA SER B 63 -1.35 22.12 -3.26
C SER B 63 -1.26 20.98 -2.29
N LYS B 64 -2.30 20.81 -1.45
CA LYS B 64 -2.28 19.68 -0.52
C LYS B 64 -2.18 18.32 -1.21
N THR B 65 -2.61 18.23 -2.48
CA THR B 65 -2.44 16.99 -3.18
C THR B 65 -0.96 16.76 -3.49
N PHE B 66 -0.24 17.83 -3.78
CA PHE B 66 1.20 17.65 -4.00
C PHE B 66 1.92 17.27 -2.71
N THR B 67 1.50 17.89 -1.60
CA THR B 67 2.10 17.54 -0.30
C THR B 67 1.80 16.09 0.05
N GLY B 68 0.57 15.64 -0.23
CA GLY B 68 0.22 14.26 0.04
C GLY B 68 1.07 13.26 -0.74
N VAL B 69 1.25 13.55 -2.01
CA VAL B 69 2.05 12.69 -2.89
C VAL B 69 3.52 12.69 -2.52
N LEU B 70 4.04 13.87 -2.14
CA LEU B 70 5.42 13.97 -1.68
C LEU B 70 5.62 13.16 -0.39
N GLY B 71 4.62 13.23 0.51
CA GLY B 71 4.68 12.41 1.72
C GLY B 71 4.62 10.93 1.36
N GLY B 72 3.75 10.60 0.41
CA GLY B 72 3.65 9.23 -0.07
C GLY B 72 4.99 8.75 -0.64
N ASP B 73 5.65 9.59 -1.40
CA ASP B 73 6.96 9.25 -1.95
C ASP B 73 8.01 9.01 -0.86
N ALA B 74 7.98 9.83 0.21
CA ALA B 74 8.87 9.67 1.33
C ALA B 74 8.57 8.37 2.11
N ILE B 75 7.31 7.98 2.17
CA ILE B 75 6.98 6.69 2.79
C ILE B 75 7.55 5.57 1.95
N ALA B 76 7.32 5.64 0.64
CA ALA B 76 7.86 4.63 -0.29
C ALA B 76 9.38 4.48 -0.24
N ARG B 77 10.08 5.60 -0.05
CA ARG B 77 11.54 5.63 0.10
C ARG B 77 12.02 5.04 1.42
N GLY B 78 11.10 4.75 2.33
CA GLY B 78 11.43 4.24 3.65
C GLY B 78 11.96 5.32 4.61
N GLU B 79 11.73 6.58 4.27
CA GLU B 79 12.22 7.70 5.09
C GLU B 79 11.31 8.00 6.28
N ILE B 80 10.00 7.80 6.09
CA ILE B 80 9.04 8.03 7.16
C ILE B 80 7.98 6.93 7.11
N LYS B 81 7.26 6.78 8.22
CA LYS B 81 6.09 5.89 8.27
C LYS B 81 4.95 6.70 8.81
N LEU B 82 3.74 6.49 8.30
CA LEU B 82 2.57 7.24 8.80
C LEU B 82 2.22 6.82 10.21
N SER B 83 2.72 5.65 10.62
CA SER B 83 2.45 5.16 11.97
C SER B 83 3.36 5.78 12.99
N ASP B 84 4.37 6.52 12.54
CA ASP B 84 5.32 7.12 13.47
C ASP B 84 4.76 8.31 14.23
N PRO B 85 5.16 8.44 15.49
CA PRO B 85 4.74 9.63 16.23
C PRO B 85 5.32 10.89 15.62
N THR B 86 4.54 11.96 15.69
CA THR B 86 4.98 13.28 15.25
C THR B 86 6.31 13.62 15.89
N THR B 87 6.46 13.27 17.16
CA THR B 87 7.69 13.64 17.87
C THR B 87 8.97 12.96 17.35
N LYS B 88 8.84 11.89 16.58
CA LYS B 88 10.01 11.22 16.04
C LYS B 88 10.77 12.18 15.13
N TYR B 89 10.03 13.00 14.39
CA TYR B 89 10.59 13.89 13.39
CA TYR B 89 10.67 13.90 13.44
C TYR B 89 10.71 15.32 13.93
N TRP B 90 10.13 15.57 15.09
CA TRP B 90 10.26 16.86 15.77
C TRP B 90 10.49 16.66 17.25
N PRO B 91 11.72 16.24 17.63
CA PRO B 91 11.92 15.80 19.01
C PRO B 91 11.74 16.94 20.01
N GLU B 92 11.87 18.17 19.54
CA GLU B 92 11.61 19.37 20.36
C GLU B 92 10.13 19.54 20.76
N LEU B 93 9.26 18.83 20.09
CA LEU B 93 7.83 18.93 20.44
C LEU B 93 7.51 17.96 21.57
N THR B 94 7.70 18.41 22.82
CA THR B 94 7.68 17.52 23.96
C THR B 94 6.42 17.56 24.82
N ALA B 95 5.54 18.50 24.52
CA ALA B 95 4.37 18.68 25.38
C ALA B 95 3.47 17.45 25.31
N LYS B 96 2.85 17.10 26.44
CA LYS B 96 2.21 15.81 26.65
C LYS B 96 1.02 15.50 25.71
N GLN B 97 0.38 16.54 25.20
CA GLN B 97 -0.79 16.32 24.34
C GLN B 97 -0.45 15.68 23.00
N TRP B 98 0.85 15.60 22.68
CA TRP B 98 1.28 15.12 21.37
C TRP B 98 1.51 13.62 21.44
N ASN B 99 1.47 13.07 22.64
CA ASN B 99 1.54 11.63 22.77
C ASN B 99 0.42 10.93 22.00
N GLY B 100 0.78 10.00 21.14
CA GLY B 100 -0.22 9.32 20.34
C GLY B 100 -0.67 10.06 19.08
N ILE B 101 -0.16 11.26 18.81
CA ILE B 101 -0.50 11.91 17.54
C ILE B 101 0.57 11.54 16.49
N THR B 102 0.18 10.85 15.42
CA THR B 102 1.10 10.32 14.43
C THR B 102 1.10 11.13 13.15
N LEU B 103 2.08 10.87 12.28
CA LEU B 103 2.06 11.48 10.97
C LEU B 103 0.77 11.24 10.21
N LEU B 104 0.16 10.04 10.35
CA LEU B 104 -1.14 9.78 9.76
C LEU B 104 -2.17 10.84 10.19
N HIS B 105 -2.21 11.11 11.49
CA HIS B 105 -3.20 12.10 12.01
C HIS B 105 -2.96 13.49 11.42
N LEU B 106 -1.68 13.90 11.35
CA LEU B 106 -1.38 15.18 10.69
C LEU B 106 -1.79 15.21 9.23
N ALA B 107 -1.45 14.17 8.47
CA ALA B 107 -1.70 14.17 7.02
C ALA B 107 -3.18 14.23 6.65
N THR B 108 -4.02 13.69 7.53
CA THR B 108 -5.44 13.46 7.24
C THR B 108 -6.41 14.27 8.12
N TYR B 109 -5.86 15.25 8.84
CA TYR B 109 -6.64 16.24 9.61
C TYR B 109 -7.32 15.60 10.84
N THR B 110 -6.75 14.52 11.34
CA THR B 110 -7.42 13.75 12.40
C THR B 110 -6.70 13.81 13.75
N ALA B 111 -5.84 14.81 13.90
CA ALA B 111 -5.04 14.91 15.14
C ALA B 111 -5.85 15.35 16.35
N GLY B 112 -7.03 15.91 16.12
CA GLY B 112 -7.90 16.33 17.20
C GLY B 112 -8.21 17.81 17.26
N GLY B 113 -8.36 18.43 16.10
CA GLY B 113 -8.82 19.81 16.05
C GLY B 113 -7.72 20.86 15.91
N LEU B 114 -6.59 20.49 15.32
CA LEU B 114 -5.62 21.48 14.84
C LEU B 114 -6.39 22.46 13.94
N PRO B 115 -6.10 23.77 14.04
CA PRO B 115 -6.99 24.76 13.42
C PRO B 115 -6.77 24.95 11.94
N LEU B 116 -7.84 25.42 11.30
CA LEU B 116 -7.83 25.64 9.87
C LEU B 116 -6.61 26.45 9.43
N GLN B 117 -6.34 27.55 10.13
CA GLN B 117 -5.20 28.35 9.77
C GLN B 117 -4.18 28.37 10.88
N VAL B 118 -2.91 28.44 10.50
CA VAL B 118 -1.88 28.81 11.47
C VAL B 118 -2.09 30.33 11.66
N PRO B 119 -2.12 30.81 12.92
CA PRO B 119 -2.36 32.25 13.14
C PRO B 119 -1.36 33.09 12.38
N ASP B 120 -1.79 34.27 11.91
CA ASP B 120 -0.96 35.08 11.02
C ASP B 120 0.28 35.63 11.71
N GLU B 121 0.23 35.69 13.04
CA GLU B 121 1.34 36.21 13.83
C GLU B 121 2.45 35.18 14.02
N VAL B 122 2.15 33.92 13.73
CA VAL B 122 3.17 32.88 13.78
C VAL B 122 4.03 32.97 12.54
N LYS B 123 5.29 33.33 12.70
CA LYS B 123 6.15 33.57 11.56
C LYS B 123 7.37 32.65 11.61
N SER B 124 8.16 32.82 12.66
CA SER B 124 9.46 32.20 12.80
C SER B 124 9.35 30.77 13.26
N SER B 125 10.47 30.05 13.20
CA SER B 125 10.49 28.66 13.65
C SER B 125 10.17 28.56 15.13
N SER B 126 10.66 29.52 15.91
CA SER B 126 10.35 29.63 17.33
C SER B 126 8.86 29.80 17.55
N ASP B 127 8.24 30.67 16.74
CA ASP B 127 6.81 30.94 16.89
C ASP B 127 6.05 29.66 16.66
N LEU B 128 6.53 28.90 15.67
CA LEU B 128 5.81 27.73 15.23
C LEU B 128 5.92 26.62 16.26
N LEU B 129 7.10 26.43 16.86
CA LEU B 129 7.19 25.46 17.95
C LEU B 129 6.25 25.89 19.10
N ARG B 130 6.27 27.18 19.45
CA ARG B 130 5.45 27.64 20.56
C ARG B 130 3.97 27.35 20.31
N PHE B 131 3.52 27.65 19.10
CA PHE B 131 2.15 27.39 18.69
C PHE B 131 1.75 25.92 18.88
N TYR B 132 2.54 25.01 18.36
CA TYR B 132 2.22 23.60 18.53
C TYR B 132 2.40 23.08 19.96
N GLN B 133 3.39 23.60 20.70
CA GLN B 133 3.54 23.18 22.09
C GLN B 133 2.36 23.60 22.92
N ASN B 134 1.76 24.73 22.54
CA ASN B 134 0.65 25.33 23.31
C ASN B 134 -0.72 24.87 22.86
N TRP B 135 -0.79 24.19 21.71
CA TRP B 135 -2.08 23.80 21.17
C TRP B 135 -2.72 22.73 22.04
N GLN B 136 -4.00 22.92 22.36
CA GLN B 136 -4.73 21.96 23.17
C GLN B 136 -5.86 21.37 22.33
N PRO B 137 -5.89 20.06 22.23
CA PRO B 137 -6.88 19.46 21.31
C PRO B 137 -8.36 19.58 21.75
N ALA B 138 -9.21 19.60 20.74
CA ALA B 138 -10.66 19.62 20.95
C ALA B 138 -11.19 18.20 21.12
N TRP B 139 -10.47 17.21 20.56
CA TRP B 139 -10.86 15.80 20.60
C TRP B 139 -9.61 14.90 20.69
N ALA B 140 -9.81 13.64 21.02
CA ALA B 140 -8.72 12.64 21.03
C ALA B 140 -8.23 12.38 19.60
N PRO B 141 -6.99 11.88 19.46
CA PRO B 141 -6.52 11.63 18.10
C PRO B 141 -7.34 10.54 17.39
N GLY B 142 -7.52 10.69 16.07
CA GLY B 142 -8.14 9.65 15.27
C GLY B 142 -9.63 9.50 15.53
N THR B 143 -10.27 10.60 15.95
CA THR B 143 -11.73 10.55 16.16
C THR B 143 -12.56 11.49 15.27
N GLN B 144 -12.01 12.65 14.93
CA GLN B 144 -12.72 13.68 14.17
C GLN B 144 -11.80 14.23 13.11
N ARG B 145 -12.37 14.47 11.93
CA ARG B 145 -11.65 15.14 10.85
C ARG B 145 -12.02 16.62 10.88
N LEU B 146 -11.01 17.47 10.95
CA LEU B 146 -11.23 18.91 10.84
C LEU B 146 -10.20 19.46 9.86
N TYR B 147 -10.67 19.75 8.65
CA TYR B 147 -9.78 20.27 7.59
C TYR B 147 -8.93 21.44 8.07
N ALA B 148 -7.62 21.33 7.89
CA ALA B 148 -6.68 22.21 8.58
C ALA B 148 -5.31 22.32 7.91
N ASN B 149 -4.92 23.57 7.61
CA ASN B 149 -3.56 23.84 7.14
C ASN B 149 -2.54 23.49 8.19
N SER B 150 -2.86 23.74 9.46
CA SER B 150 -1.89 23.54 10.54
C SER B 150 -1.60 22.06 10.73
N SER B 151 -2.47 21.22 10.19
CA SER B 151 -2.31 19.77 10.25
C SER B 151 -1.48 19.26 9.08
N ILE B 152 -2.02 19.36 7.86
CA ILE B 152 -1.29 18.76 6.70
C ILE B 152 -0.03 19.58 6.42
N GLY B 153 -0.07 20.86 6.72
CA GLY B 153 1.11 21.70 6.52
C GLY B 153 2.29 21.20 7.36
N LEU B 154 2.00 20.83 8.62
CA LEU B 154 3.04 20.28 9.49
C LEU B 154 3.49 18.90 9.00
N PHE B 155 2.54 18.06 8.56
CA PHE B 155 2.91 16.78 7.92
C PHE B 155 3.95 16.99 6.82
N GLY B 156 3.69 17.96 5.95
CA GLY B 156 4.57 18.22 4.81
C GLY B 156 5.98 18.57 5.28
N ALA B 157 6.05 19.45 6.26
CA ALA B 157 7.34 19.87 6.82
C ALA B 157 8.15 18.71 7.45
N LEU B 158 7.47 17.83 8.16
CA LEU B 158 8.16 16.75 8.86
C LEU B 158 8.49 15.63 7.87
N ALA B 159 7.65 15.45 6.88
CA ALA B 159 7.83 14.37 5.91
C ALA B 159 9.16 14.43 5.16
N VAL B 160 9.66 15.64 4.92
CA VAL B 160 10.91 15.80 4.20
C VAL B 160 12.11 15.88 5.17
N LYS B 161 11.88 15.86 6.49
CA LYS B 161 13.02 16.00 7.40
C LYS B 161 14.14 14.95 7.25
N PRO B 162 13.77 13.66 7.14
CA PRO B 162 14.83 12.65 6.99
C PRO B 162 15.67 12.81 5.72
N SER B 163 15.09 13.35 4.66
CA SER B 163 15.78 13.55 3.39
C SER B 163 16.86 14.61 3.52
N GLY B 164 16.72 15.47 4.51
CA GLY B 164 17.59 16.60 4.65
C GLY B 164 17.33 17.75 3.68
N LEU B 165 16.43 17.56 2.73
CA LEU B 165 16.13 18.60 1.73
C LEU B 165 15.11 19.56 2.31
N SER B 166 15.10 20.81 1.83
CA SER B 166 14.01 21.71 2.20
C SER B 166 12.76 21.19 1.55
N PHE B 167 11.61 21.65 2.02
CA PHE B 167 10.35 21.20 1.44
C PHE B 167 10.33 21.52 -0.05
N GLU B 168 10.74 22.74 -0.39
CA GLU B 168 10.73 23.16 -1.80
C GLU B 168 11.61 22.28 -2.69
N GLN B 169 12.84 21.99 -2.24
CA GLN B 169 13.77 21.21 -3.02
C GLN B 169 13.33 19.76 -3.12
N ALA B 170 12.75 19.23 -2.05
CA ALA B 170 12.17 17.88 -2.13
C ALA B 170 11.03 17.84 -3.16
N MET B 171 10.13 18.81 -3.08
CA MET B 171 8.99 18.86 -4.01
C MET B 171 9.47 19.00 -5.45
N GLN B 172 10.44 19.87 -5.67
CA GLN B 172 10.95 20.07 -7.02
C GLN B 172 11.62 18.82 -7.56
N THR B 173 12.52 18.24 -6.77
CA THR B 173 13.34 17.15 -7.30
C THR B 173 12.61 15.81 -7.31
N ARG B 174 11.60 15.65 -6.44
CA ARG B 174 11.00 14.33 -6.24
C ARG B 174 9.65 14.23 -6.90
N VAL B 175 9.02 15.37 -7.16
CA VAL B 175 7.68 15.37 -7.73
C VAL B 175 7.60 16.15 -9.04
N PHE B 176 7.90 17.45 -8.99
CA PHE B 176 7.75 18.29 -10.18
C PHE B 176 8.62 17.79 -11.34
N GLN B 177 9.90 17.53 -11.08
CA GLN B 177 10.80 17.17 -12.16
C GLN B 177 10.55 15.81 -12.80
N PRO B 178 10.40 14.75 -12.00
CA PRO B 178 10.13 13.46 -12.65
C PRO B 178 8.83 13.52 -13.52
N LEU B 179 7.84 14.32 -13.10
CA LEU B 179 6.63 14.48 -13.88
C LEU B 179 6.71 15.56 -14.95
N LYS B 180 7.90 16.16 -15.11
CA LYS B 180 8.09 17.18 -16.13
C LYS B 180 7.07 18.32 -15.99
N LEU B 181 6.79 18.72 -14.75
CA LEU B 181 5.94 19.89 -14.49
C LEU B 181 6.86 21.09 -14.55
N ASN B 182 7.11 21.55 -15.77
CA ASN B 182 8.20 22.48 -16.04
C ASN B 182 7.87 23.96 -15.78
N HIS B 183 6.60 24.23 -15.46
CA HIS B 183 6.14 25.57 -15.16
C HIS B 183 5.31 25.57 -13.88
N THR B 184 5.78 24.81 -12.90
CA THR B 184 5.08 24.66 -11.63
C THR B 184 6.11 25.04 -10.55
N TRP B 185 5.70 25.93 -9.66
CA TRP B 185 6.62 26.53 -8.71
C TRP B 185 5.95 26.78 -7.37
N ILE B 186 6.71 26.57 -6.29
CA ILE B 186 6.32 27.07 -4.96
C ILE B 186 6.70 28.55 -4.83
N ASN B 187 7.84 28.91 -5.40
CA ASN B 187 8.21 30.31 -5.53
C ASN B 187 8.43 30.61 -7.03
N VAL B 188 7.62 31.50 -7.57
CA VAL B 188 7.66 31.84 -8.99
C VAL B 188 8.93 32.65 -9.27
N PRO B 189 9.80 32.14 -10.16
CA PRO B 189 11.05 32.87 -10.42
C PRO B 189 10.78 34.07 -11.33
N PRO B 190 11.73 35.00 -11.44
CA PRO B 190 11.54 36.18 -12.30
C PRO B 190 11.18 35.88 -13.74
N ALA B 191 11.78 34.85 -14.34
CA ALA B 191 11.47 34.50 -15.73
C ALA B 191 10.01 34.11 -15.92
N GLU B 192 9.32 33.71 -14.85
CA GLU B 192 7.91 33.36 -14.98
C GLU B 192 6.95 34.45 -14.52
N GLU B 193 7.45 35.55 -13.99
CA GLU B 193 6.52 36.59 -13.53
C GLU B 193 5.54 37.07 -14.59
N LYS B 194 6.00 37.16 -15.83
CA LYS B 194 5.14 37.66 -16.91
C LYS B 194 3.96 36.73 -17.21
N ASN B 195 4.04 35.49 -16.75
CA ASN B 195 2.98 34.51 -16.93
C ASN B 195 2.16 34.29 -15.68
N TYR B 196 2.57 34.92 -14.59
CA TYR B 196 1.90 34.73 -13.32
C TYR B 196 0.65 35.60 -13.30
N ALA B 197 -0.51 34.98 -13.32
CA ALA B 197 -1.75 35.73 -13.37
C ALA B 197 -1.94 36.49 -12.06
N TRP B 198 -2.58 37.65 -12.12
CA TRP B 198 -3.10 38.27 -10.91
C TRP B 198 -4.40 37.60 -10.45
N GLY B 199 -4.55 37.47 -9.15
CA GLY B 199 -5.84 37.09 -8.57
C GLY B 199 -6.68 38.34 -8.39
N TYR B 200 -7.99 38.21 -8.36
CA TYR B 200 -8.86 39.38 -8.21
C TYR B 200 -9.82 39.18 -7.05
N ARG B 201 -9.77 40.09 -6.09
CA ARG B 201 -10.58 39.97 -4.88
C ARG B 201 -11.20 41.32 -4.58
N GLU B 202 -12.53 41.39 -4.60
CA GLU B 202 -13.26 42.65 -4.53
C GLU B 202 -12.69 43.68 -5.51
N GLY B 203 -12.26 43.21 -6.69
CA GLY B 203 -11.79 44.10 -7.74
C GLY B 203 -10.29 44.36 -7.76
N LYS B 204 -9.64 44.11 -6.63
CA LYS B 204 -8.20 44.37 -6.51
C LYS B 204 -7.36 43.19 -7.02
N ALA B 205 -6.32 43.50 -7.78
CA ALA B 205 -5.33 42.51 -8.21
C ALA B 205 -4.47 42.07 -7.04
N VAL B 206 -4.49 40.77 -6.73
CA VAL B 206 -3.74 40.29 -5.57
C VAL B 206 -3.01 38.98 -5.84
N HIS B 207 -1.93 38.78 -5.08
CA HIS B 207 -1.30 37.48 -4.97
C HIS B 207 -1.32 37.05 -3.51
N VAL B 208 -1.18 35.76 -3.27
CA VAL B 208 -1.18 35.17 -1.93
C VAL B 208 -0.04 35.78 -1.11
N SER B 209 -0.28 36.05 0.16
CA SER B 209 0.79 36.61 0.99
C SER B 209 1.57 35.48 1.69
N PRO B 210 2.81 35.75 2.09
CA PRO B 210 3.57 34.75 2.86
C PRO B 210 2.86 34.39 4.15
N GLY B 211 3.01 33.14 4.59
CA GLY B 211 2.48 32.68 5.86
C GLY B 211 3.19 31.41 6.28
N ALA B 212 3.11 31.09 7.56
CA ALA B 212 3.80 29.90 8.07
C ALA B 212 3.19 28.66 7.41
N LEU B 213 4.05 27.75 6.98
CA LEU B 213 3.64 26.50 6.33
C LEU B 213 2.81 26.75 5.09
N ASP B 214 3.05 27.88 4.45
CA ASP B 214 2.37 28.18 3.20
C ASP B 214 2.71 27.25 2.04
N ALA B 215 3.99 26.98 1.84
CA ALA B 215 4.42 26.09 0.79
C ALA B 215 3.71 24.75 0.94
N GLU B 216 3.70 24.25 2.18
CA GLU B 216 3.19 22.94 2.47
C GLU B 216 1.65 22.82 2.36
N ALA B 217 0.94 23.90 2.61
CA ALA B 217 -0.51 23.84 2.71
C ALA B 217 -1.24 24.43 1.51
N TYR B 218 -0.66 25.44 0.85
CA TYR B 218 -1.43 26.12 -0.20
C TYR B 218 -0.57 26.94 -1.15
N GLY B 219 0.71 26.60 -1.27
CA GLY B 219 1.61 27.50 -1.97
C GLY B 219 2.07 27.21 -3.39
N VAL B 220 1.47 26.24 -4.06
CA VAL B 220 1.92 25.89 -5.40
C VAL B 220 1.22 26.76 -6.44
N LYS B 221 1.98 27.19 -7.44
CA LYS B 221 1.45 27.89 -8.61
C LYS B 221 1.74 27.03 -9.84
N SER B 222 0.82 26.97 -10.80
CA SER B 222 1.03 26.08 -11.91
C SER B 222 0.16 26.54 -13.07
N THR B 223 0.43 25.93 -14.22
CA THR B 223 -0.32 26.21 -15.45
C THR B 223 -1.32 25.09 -15.74
N ILE B 224 -2.22 25.37 -16.70
CA ILE B 224 -3.22 24.38 -17.05
C ILE B 224 -2.58 23.13 -17.68
N GLU B 225 -1.50 23.32 -18.43
CA GLU B 225 -0.77 22.20 -19.02
C GLU B 225 -0.14 21.32 -17.96
N ASP B 226 0.55 21.94 -17.01
CA ASP B 226 1.21 21.14 -15.97
C ASP B 226 0.17 20.42 -15.12
N MET B 227 -0.95 21.09 -14.87
CA MET B 227 -2.00 20.49 -14.04
C MET B 227 -2.67 19.34 -14.77
N ALA B 228 -2.85 19.46 -16.09
CA ALA B 228 -3.33 18.31 -16.86
C ALA B 228 -2.38 17.12 -16.67
N ARG B 229 -1.09 17.38 -16.71
CA ARG B 229 -0.10 16.33 -16.52
C ARG B 229 -0.18 15.76 -15.12
N TRP B 230 -0.44 16.65 -14.15
CA TRP B 230 -0.67 16.21 -12.76
C TRP B 230 -1.87 15.27 -12.69
N VAL B 231 -2.95 15.62 -13.39
CA VAL B 231 -4.10 14.69 -13.42
C VAL B 231 -3.77 13.37 -14.13
N GLN B 232 -3.08 13.45 -15.28
CA GLN B 232 -2.73 12.21 -15.96
C GLN B 232 -1.91 11.32 -15.04
N SER B 233 -0.99 11.93 -14.30
CA SER B 233 -0.10 11.17 -13.44
C SER B 233 -0.86 10.48 -12.30
N ASN B 234 -1.85 11.17 -11.75
CA ASN B 234 -2.64 10.61 -10.67
C ASN B 234 -3.71 9.63 -11.18
N LEU B 235 -4.12 9.79 -12.44
CA LEU B 235 -5.01 8.82 -13.07
C LEU B 235 -4.30 7.50 -13.34
N LYS B 236 -3.05 7.57 -13.78
CA LYS B 236 -2.35 6.41 -14.29
C LYS B 236 -0.94 6.35 -13.74
N PRO B 237 -0.83 6.11 -12.43
CA PRO B 237 0.49 6.19 -11.80
C PRO B 237 1.43 5.09 -12.29
N LEU B 238 0.89 4.03 -12.89
CA LEU B 238 1.74 2.93 -13.29
C LEU B 238 2.62 3.33 -14.47
N ASP B 239 2.26 4.43 -15.13
CA ASP B 239 3.06 4.92 -16.26
C ASP B 239 4.28 5.72 -15.81
N ILE B 240 4.33 6.05 -14.51
CA ILE B 240 5.43 6.81 -13.93
C ILE B 240 6.67 5.92 -13.70
N ASN B 241 7.81 6.34 -14.24
CA ASN B 241 9.01 5.52 -14.17
C ASN B 241 9.73 5.49 -12.82
N GLU B 242 9.69 6.59 -12.08
CA GLU B 242 10.27 6.65 -10.75
C GLU B 242 9.41 5.85 -9.77
N LYS B 243 9.98 4.75 -9.26
CA LYS B 243 9.25 3.74 -8.48
C LYS B 243 8.63 4.30 -7.21
N THR B 244 9.42 5.02 -6.42
CA THR B 244 8.82 5.60 -5.19
C THR B 244 7.77 6.67 -5.50
N LEU B 245 7.87 7.40 -6.60
CA LEU B 245 6.83 8.36 -6.94
C LEU B 245 5.52 7.69 -7.38
N GLN B 246 5.67 6.62 -8.11
CA GLN B 246 4.55 5.80 -8.57
C GLN B 246 3.83 5.30 -7.32
N GLN B 247 4.60 4.78 -6.37
CA GLN B 247 4.02 4.27 -5.13
C GLN B 247 3.41 5.38 -4.27
N GLY B 248 4.08 6.53 -4.22
CA GLY B 248 3.59 7.66 -3.44
C GLY B 248 2.25 8.15 -3.95
N ILE B 249 2.07 8.21 -5.27
CA ILE B 249 0.75 8.55 -5.83
C ILE B 249 -0.31 7.55 -5.43
N GLN B 250 0.03 6.27 -5.48
CA GLN B 250 -0.91 5.22 -5.07
C GLN B 250 -1.24 5.40 -3.59
N LEU B 251 -0.24 5.69 -2.76
CA LEU B 251 -0.49 5.85 -1.33
C LEU B 251 -1.42 7.04 -1.04
N ALA B 252 -1.32 8.10 -1.83
CA ALA B 252 -2.10 9.30 -1.55
C ALA B 252 -3.58 9.13 -1.90
N GLN B 253 -3.89 8.13 -2.72
CA GLN B 253 -5.28 7.76 -3.02
C GLN B 253 -5.76 6.58 -2.20
N SER B 254 -4.94 6.09 -1.28
CA SER B 254 -5.45 5.05 -0.38
C SER B 254 -6.51 5.67 0.52
N ARG B 255 -7.45 4.86 1.00
CA ARG B 255 -8.54 5.38 1.82
C ARG B 255 -8.21 5.10 3.29
N TYR B 256 -7.94 6.15 4.05
CA TYR B 256 -7.47 6.06 5.45
C TYR B 256 -8.61 6.16 6.46
N TRP B 257 -9.59 7.02 6.15
CA TRP B 257 -10.70 7.32 7.02
C TRP B 257 -11.93 7.51 6.16
N GLN B 258 -13.07 7.20 6.75
CA GLN B 258 -14.32 7.50 6.06
C GLN B 258 -15.17 8.45 6.93
N THR B 259 -15.74 9.44 6.26
CA THR B 259 -16.83 10.23 6.84
C THR B 259 -17.97 10.36 5.84
N GLY B 260 -19.13 9.83 6.20
CA GLY B 260 -20.22 9.80 5.25
C GLY B 260 -19.81 9.00 4.01
N ASP B 261 -19.98 9.62 2.83
CA ASP B 261 -19.66 8.93 1.58
C ASP B 261 -18.26 9.31 1.04
N MET B 262 -17.48 10.02 1.86
CA MET B 262 -16.14 10.44 1.44
C MET B 262 -15.02 9.73 2.21
N TYR B 263 -13.92 9.49 1.52
CA TYR B 263 -12.77 8.85 2.10
C TYR B 263 -11.61 9.83 2.03
N GLN B 264 -10.84 9.91 3.10
CA GLN B 264 -9.72 10.84 3.13
C GLN B 264 -8.43 10.13 2.72
N GLY B 265 -7.80 10.65 1.67
CA GLY B 265 -6.48 10.21 1.21
C GLY B 265 -5.42 11.13 1.77
N LEU B 266 -4.25 11.16 1.13
CA LEU B 266 -3.20 12.12 1.52
C LEU B 266 -3.38 13.29 0.59
N GLY B 267 -4.06 14.33 1.08
CA GLY B 267 -4.40 15.50 0.27
C GLY B 267 -5.61 15.24 -0.61
N TRP B 268 -5.59 14.21 -1.44
CA TRP B 268 -6.80 13.86 -2.17
C TRP B 268 -7.93 13.43 -1.27
N GLU B 269 -9.14 13.72 -1.73
CA GLU B 269 -10.37 13.16 -1.17
C GLU B 269 -11.06 12.32 -2.24
N MET B 270 -11.70 11.22 -1.83
CA MET B 270 -12.25 10.27 -2.79
C MET B 270 -13.65 9.83 -2.42
N LEU B 271 -14.46 9.52 -3.43
CA LEU B 271 -15.78 8.93 -3.23
C LEU B 271 -15.92 7.80 -4.24
N ASP B 272 -16.74 6.81 -3.94
CA ASP B 272 -17.03 5.77 -4.93
C ASP B 272 -17.73 6.34 -6.14
N TRP B 273 -17.31 5.87 -7.32
CA TRP B 273 -17.96 6.20 -8.57
C TRP B 273 -18.88 5.01 -8.96
N PRO B 274 -20.10 5.30 -9.39
CA PRO B 274 -20.70 6.62 -9.57
C PRO B 274 -21.04 7.30 -8.26
N VAL B 275 -20.96 8.62 -8.27
CA VAL B 275 -21.23 9.42 -7.10
C VAL B 275 -22.58 10.03 -7.21
N ASN B 276 -23.06 10.49 -6.06
CA ASN B 276 -24.24 11.30 -6.03
C ASN B 276 -23.80 12.76 -6.16
N PRO B 277 -24.10 13.39 -7.30
CA PRO B 277 -23.60 14.75 -7.56
C PRO B 277 -23.99 15.73 -6.46
N ASP B 278 -25.20 15.64 -5.90
CA ASP B 278 -25.59 16.58 -4.85
C ASP B 278 -24.68 16.49 -3.64
N SER B 279 -24.21 15.27 -3.35
CA SER B 279 -23.34 15.07 -2.22
C SER B 279 -21.99 15.78 -2.38
N ILE B 280 -21.34 15.63 -3.54
CA ILE B 280 -20.06 16.32 -3.74
C ILE B 280 -20.25 17.81 -3.93
N ILE B 281 -21.33 18.19 -4.60
CA ILE B 281 -21.61 19.60 -4.80
C ILE B 281 -21.93 20.29 -3.47
N ASN B 282 -22.94 19.82 -2.75
CA ASN B 282 -23.24 20.40 -1.42
C ASN B 282 -22.11 20.21 -0.43
N GLY B 283 -21.46 19.05 -0.47
CA GLY B 283 -20.36 18.77 0.45
C GLY B 283 -19.18 19.69 0.31
N SER B 284 -19.06 20.33 -0.84
CA SER B 284 -17.88 21.15 -1.12
C SER B 284 -18.08 22.54 -0.53
N ASP B 285 -19.31 22.87 -0.17
CA ASP B 285 -19.59 24.16 0.45
C ASP B 285 -18.81 24.23 1.73
N ASN B 286 -18.15 25.35 1.96
CA ASN B 286 -17.32 25.50 3.16
C ASN B 286 -18.06 25.29 4.49
N LYS B 287 -19.39 25.45 4.53
CA LYS B 287 -20.08 25.22 5.80
C LYS B 287 -20.03 23.75 6.18
N ILE B 288 -19.83 22.88 5.19
CA ILE B 288 -19.66 21.45 5.46
C ILE B 288 -18.19 21.07 5.39
N ALA B 289 -17.51 21.57 4.36
CA ALA B 289 -16.13 21.16 4.10
C ALA B 289 -15.15 21.61 5.20
N LEU B 290 -15.49 22.69 5.90
CA LEU B 290 -14.65 23.14 7.01
C LEU B 290 -15.11 22.69 8.40
N ALA B 291 -16.20 21.94 8.47
CA ALA B 291 -16.76 21.54 9.75
C ALA B 291 -16.19 20.22 10.22
N ALA B 292 -16.16 20.03 11.53
CA ALA B 292 -15.68 18.75 12.10
C ALA B 292 -16.69 17.63 11.79
N ARG B 293 -16.15 16.44 11.46
CA ARG B 293 -16.99 15.27 11.20
C ARG B 293 -16.32 14.06 11.81
N PRO B 294 -17.10 13.15 12.42
CA PRO B 294 -16.52 11.95 13.02
C PRO B 294 -15.98 11.01 11.93
N VAL B 295 -14.86 10.36 12.19
CA VAL B 295 -14.27 9.48 11.18
C VAL B 295 -14.28 8.04 11.67
N LYS B 296 -14.39 7.09 10.74
CA LYS B 296 -14.21 5.69 11.03
C LYS B 296 -12.89 5.33 10.40
N ALA B 297 -12.00 4.72 11.18
CA ALA B 297 -10.72 4.27 10.64
C ALA B 297 -10.98 3.11 9.67
N ILE B 298 -10.21 3.11 8.59
CA ILE B 298 -10.27 2.02 7.63
C ILE B 298 -9.00 1.23 7.88
N THR B 299 -9.17 0.07 8.51
CA THR B 299 -8.07 -0.66 9.15
C THR B 299 -7.95 -2.03 8.47
N PRO B 300 -7.00 -2.18 7.56
CA PRO B 300 -6.00 -1.21 7.15
C PRO B 300 -6.53 -0.41 5.96
N PRO B 301 -5.79 0.63 5.56
CA PRO B 301 -6.35 1.45 4.51
C PRO B 301 -6.59 0.68 3.20
N THR B 302 -7.66 1.02 2.49
CA THR B 302 -7.95 0.36 1.23
C THR B 302 -7.03 0.96 0.18
N PRO B 303 -6.39 0.09 -0.61
CA PRO B 303 -5.58 0.68 -1.67
C PRO B 303 -6.43 1.47 -2.67
N ALA B 304 -5.78 2.37 -3.39
CA ALA B 304 -6.48 3.22 -4.36
C ALA B 304 -7.52 2.46 -5.21
N VAL B 305 -8.76 2.93 -5.11
CA VAL B 305 -9.88 2.37 -5.84
C VAL B 305 -10.03 3.06 -7.20
N ARG B 306 -10.00 2.29 -8.30
CA ARG B 306 -10.05 2.91 -9.63
C ARG B 306 -11.37 3.69 -9.93
N ALA B 307 -12.43 2.95 -9.54
CA ALA B 307 -13.79 3.45 -9.59
C ALA B 307 -14.06 4.43 -8.44
N SER B 308 -13.37 5.55 -8.56
CA SER B 308 -13.50 6.64 -7.59
C SER B 308 -13.64 7.93 -8.32
N TRP B 309 -14.39 8.87 -7.70
CA TRP B 309 -14.28 10.29 -8.00
C TRP B 309 -13.21 10.77 -7.01
N VAL B 310 -12.07 11.22 -7.53
CA VAL B 310 -10.97 11.70 -6.68
C VAL B 310 -10.85 13.19 -6.96
N HIS B 311 -10.82 14.05 -5.92
CA HIS B 311 -10.92 15.48 -6.17
C HIS B 311 -10.36 16.33 -5.04
N LYS B 312 -10.20 17.63 -5.31
CA LYS B 312 -9.74 18.59 -4.31
C LYS B 312 -10.08 19.99 -4.81
N THR B 313 -10.62 20.81 -3.89
CA THR B 313 -10.88 22.23 -4.15
C THR B 313 -9.68 23.02 -3.61
N GLY B 314 -9.45 24.22 -4.15
CA GLY B 314 -8.44 25.09 -3.56
C GLY B 314 -8.79 26.54 -3.77
N ALA B 315 -8.38 27.39 -2.86
CA ALA B 315 -8.63 28.81 -3.03
C ALA B 315 -7.50 29.57 -2.38
N THR B 316 -7.20 30.74 -2.93
CA THR B 316 -6.48 31.76 -2.17
C THR B 316 -7.37 33.00 -2.21
N GLY B 317 -6.91 34.11 -1.64
CA GLY B 317 -7.68 35.34 -1.71
C GLY B 317 -8.16 35.67 -3.12
N GLY B 318 -7.33 35.46 -4.13
CA GLY B 318 -7.69 35.87 -5.48
C GLY B 318 -7.89 34.76 -6.50
N PHE B 319 -7.83 33.49 -6.10
CA PHE B 319 -7.89 32.38 -7.06
C PHE B 319 -8.83 31.29 -6.62
N GLY B 320 -9.44 30.58 -7.57
CA GLY B 320 -10.19 29.41 -7.17
C GLY B 320 -9.90 28.28 -8.15
N SER B 321 -9.53 27.12 -7.60
CA SER B 321 -9.13 26.01 -8.43
C SER B 321 -9.94 24.76 -8.07
N TYR B 322 -9.98 23.79 -8.99
CA TYR B 322 -10.61 22.51 -8.69
C TYR B 322 -10.03 21.45 -9.62
N VAL B 323 -9.82 20.25 -9.07
CA VAL B 323 -9.34 19.13 -9.87
C VAL B 323 -10.19 17.94 -9.50
N ALA B 324 -10.60 17.15 -10.47
CA ALA B 324 -11.39 15.95 -10.21
C ALA B 324 -11.09 14.93 -11.31
N PHE B 325 -10.97 13.67 -10.95
CA PHE B 325 -10.74 12.63 -11.96
C PHE B 325 -11.29 11.29 -11.53
N ILE B 326 -11.50 10.42 -12.50
CA ILE B 326 -12.05 9.07 -12.30
C ILE B 326 -11.10 8.06 -12.96
N PRO B 327 -10.27 7.37 -12.17
CA PRO B 327 -9.22 6.52 -12.75
C PRO B 327 -9.76 5.43 -13.66
N GLU B 328 -10.89 4.83 -13.29
CA GLU B 328 -11.48 3.76 -14.11
C GLU B 328 -11.84 4.20 -15.53
N LYS B 329 -12.18 5.48 -15.68
CA LYS B 329 -12.67 6.03 -16.96
C LYS B 329 -11.61 6.81 -17.71
N GLU B 330 -10.42 6.91 -17.12
CA GLU B 330 -9.31 7.65 -17.68
C GLU B 330 -9.75 9.08 -17.99
N LEU B 331 -10.49 9.65 -17.05
CA LEU B 331 -11.19 10.90 -17.31
C LEU B 331 -10.91 11.89 -16.19
N GLY B 332 -10.68 13.15 -16.54
CA GLY B 332 -10.48 14.12 -15.47
C GLY B 332 -10.65 15.55 -15.93
N ILE B 333 -10.60 16.47 -14.97
CA ILE B 333 -10.72 17.87 -15.33
C ILE B 333 -9.97 18.74 -14.34
N VAL B 334 -9.39 19.81 -14.87
CA VAL B 334 -8.78 20.87 -14.06
C VAL B 334 -9.42 22.19 -14.41
N MET B 335 -9.78 22.97 -13.40
CA MET B 335 -10.43 24.26 -13.64
C MET B 335 -9.65 25.28 -12.79
N LEU B 336 -8.98 26.21 -13.46
CA LEU B 336 -8.21 27.23 -12.74
C LEU B 336 -8.75 28.59 -13.07
N ALA B 337 -9.05 29.40 -12.05
CA ALA B 337 -9.62 30.73 -12.26
C ALA B 337 -8.95 31.76 -11.37
N ASN B 338 -8.88 33.00 -11.83
CA ASN B 338 -8.25 34.05 -11.01
C ASN B 338 -9.29 34.90 -10.29
N LYS B 339 -10.28 34.21 -9.72
CA LYS B 339 -11.19 34.73 -8.71
C LYS B 339 -11.59 33.56 -7.82
N ASN B 340 -11.71 33.77 -6.52
CA ASN B 340 -12.20 32.74 -5.59
C ASN B 340 -13.72 32.74 -5.57
N TYR B 341 -14.31 31.89 -6.41
CA TYR B 341 -15.75 31.81 -6.52
C TYR B 341 -16.24 30.52 -5.83
N PRO B 342 -17.52 30.45 -5.43
CA PRO B 342 -17.97 29.38 -4.53
C PRO B 342 -17.64 27.94 -4.99
N ASN B 343 -17.15 27.12 -4.06
CA ASN B 343 -16.86 25.71 -4.37
C ASN B 343 -17.98 24.96 -5.11
N PRO B 344 -19.24 25.05 -4.62
CA PRO B 344 -20.31 24.27 -5.28
C PRO B 344 -20.46 24.53 -6.77
N ALA B 345 -20.28 25.80 -7.17
CA ALA B 345 -20.28 26.13 -8.60
C ALA B 345 -19.20 25.38 -9.38
N ARG B 346 -18.02 25.20 -8.78
CA ARG B 346 -16.93 24.47 -9.43
C ARG B 346 -17.29 23.01 -9.63
N VAL B 347 -17.79 22.40 -8.56
CA VAL B 347 -18.03 20.99 -8.55
C VAL B 347 -19.22 20.70 -9.47
N ASP B 348 -20.24 21.56 -9.44
CA ASP B 348 -21.39 21.38 -10.31
C ASP B 348 -20.97 21.37 -11.79
N ALA B 349 -20.18 22.37 -12.17
CA ALA B 349 -19.61 22.45 -13.51
C ALA B 349 -18.78 21.20 -13.89
N ALA B 350 -17.88 20.77 -13.00
CA ALA B 350 -16.99 19.64 -13.28
C ALA B 350 -17.83 18.39 -13.43
N TRP B 351 -18.83 18.25 -12.57
CA TRP B 351 -19.69 17.10 -12.68
C TRP B 351 -20.50 17.08 -13.99
N GLN B 352 -21.00 18.23 -14.42
CA GLN B 352 -21.75 18.31 -15.68
C GLN B 352 -20.86 17.83 -16.85
N ILE B 353 -19.61 18.26 -16.84
CA ILE B 353 -18.71 17.90 -17.88
C ILE B 353 -18.30 16.43 -17.84
N LEU B 354 -17.83 15.94 -16.69
CA LEU B 354 -17.33 14.57 -16.67
C LEU B 354 -18.49 13.58 -16.84
N ASN B 355 -19.64 13.91 -16.25
CA ASN B 355 -20.78 13.01 -16.39
C ASN B 355 -21.18 12.87 -17.86
N ALA B 356 -21.00 13.94 -18.64
CA ALA B 356 -21.38 13.95 -20.06
C ALA B 356 -20.45 13.05 -20.88
N LEU B 357 -19.21 12.95 -20.43
CA LEU B 357 -18.16 12.30 -21.22
C LEU B 357 -17.91 10.87 -20.78
N GLN B 358 -18.42 10.50 -19.62
CA GLN B 358 -18.09 9.22 -19.02
C GLN B 358 -18.71 8.04 -19.77
B APB C . 3.02 -25.13 8.69
O1 APB C . 4.03 -25.96 7.96
O2 APB C . 3.80 -24.35 9.66
C1 APB C . 1.96 -26.10 9.34
C2 APB C . 1.48 -27.11 8.56
C3 APB C . 0.57 -28.04 9.10
C4 APB C . 0.13 -27.88 10.44
C5 APB C . 0.59 -26.87 11.19
C6 APB C . 1.51 -25.94 10.65
N1 APB C . 0.07 -29.17 8.29
P PO4 D . 7.72 -30.35 -18.93
O1 PO4 D . 9.22 -30.35 -18.75
O2 PO4 D . 7.38 -28.90 -19.23
O3 PO4 D . 7.19 -31.21 -20.08
O4 PO4 D . 7.02 -30.82 -17.65
B APB E . -7.23 25.81 1.01
O1 APB E . -7.34 26.50 -0.26
O2 APB E . -8.51 25.17 1.23
C1 APB E . -6.92 26.88 2.13
C2 APB E . -6.05 27.85 1.87
C3 APB E . -5.80 28.86 2.81
C4 APB E . -6.49 28.83 4.04
C5 APB E . -7.36 27.89 4.30
C6 APB E . -7.62 26.86 3.32
N1 APB E . -4.82 29.92 2.46
#